data_7Y8P
# 
_entry.id   7Y8P 
# 
_audit_conform.dict_name       mmcif_pdbx.dic 
_audit_conform.dict_version    5.380 
_audit_conform.dict_location   http://mmcif.pdb.org/dictionaries/ascii/mmcif_pdbx.dic 
# 
loop_
_database_2.database_id 
_database_2.database_code 
_database_2.pdbx_database_accession 
_database_2.pdbx_DOI 
PDB   7Y8P         pdb_00007y8p 10.2210/pdb7y8p/pdb 
WWPDB D_1300030495 ?            ?                   
# 
_pdbx_database_status.status_code                     REL 
_pdbx_database_status.status_code_sf                  REL 
_pdbx_database_status.status_code_mr                  ? 
_pdbx_database_status.entry_id                        7Y8P 
_pdbx_database_status.recvd_initial_deposition_date   2022-06-24 
_pdbx_database_status.SG_entry                        N 
_pdbx_database_status.deposit_site                    PDBJ 
_pdbx_database_status.process_site                    PDBJ 
_pdbx_database_status.status_code_cs                  ? 
_pdbx_database_status.status_code_nmr_data            ? 
_pdbx_database_status.methods_development_category    ? 
_pdbx_database_status.pdb_format_compatible           Y 
# 
loop_
_audit_author.name 
_audit_author.pdbx_ordinal 
_audit_author.identifier_ORCID 
'Kondo, J.'     1 0000-0002-5682-3685 
'Minakawa, N.'  2 ?                   
'Ohta, M.'      3 ?                   
'Takahashi, H.' 4 ?                   
'Tarashima, N.' 5 ?                   
# 
_citation.abstract                  ? 
_citation.abstract_id_CAS           ? 
_citation.book_id_ISBN              ? 
_citation.book_publisher            ? 
_citation.book_publisher_city       ? 
_citation.book_title                ? 
_citation.coordinate_linkage        ? 
_citation.country                   UK 
_citation.database_id_Medline       ? 
_citation.details                   ? 
_citation.id                        primary 
_citation.journal_abbrev            Bioorg.Med.Chem. 
_citation.journal_id_ASTM           BMECEP 
_citation.journal_id_CSD            1200 
_citation.journal_id_ISSN           1464-3391 
_citation.journal_full              ? 
_citation.journal_issue             ? 
_citation.journal_volume            76 
_citation.language                  ? 
_citation.page_first                117093 
_citation.page_last                 117093 
_citation.title                     
;Synthesis and properties of fully-modified 4'-selenoRNA, an endonuclease-resistant RNA analog.
;
_citation.year                      2022 
_citation.database_id_CSD           ? 
_citation.pdbx_database_id_DOI      10.1016/j.bmc.2022.117093 
_citation.pdbx_database_id_PubMed   36434923 
_citation.pdbx_database_id_patent   ? 
_citation.unpublished_flag          ? 
# 
loop_
_citation_author.citation_id 
_citation_author.name 
_citation_author.ordinal 
_citation_author.identifier_ORCID 
primary 'Ota, M.'             1 ? 
primary 'Takahashi, H.'       2 ? 
primary 'Nogi, Y.'            3 ? 
primary 'Kagotani, Y.'        4 ? 
primary 'Saito-Tarashima, N.' 5 ? 
primary 'Kondo, J.'           6 ? 
primary 'Minakawa, N.'        7 ? 
# 
_cell.angle_alpha                  90.000 
_cell.angle_alpha_esd              ? 
_cell.angle_beta                   113.470 
_cell.angle_beta_esd               ? 
_cell.angle_gamma                  90.000 
_cell.angle_gamma_esd              ? 
_cell.entry_id                     7Y8P 
_cell.details                      ? 
_cell.formula_units_Z              ? 
_cell.length_a                     26.951 
_cell.length_a_esd                 ? 
_cell.length_b                     38.107 
_cell.length_b_esd                 ? 
_cell.length_c                     31.882 
_cell.length_c_esd                 ? 
_cell.volume                       ? 
_cell.volume_esd                   ? 
_cell.Z_PDB                        4 
_cell.reciprocal_angle_alpha       ? 
_cell.reciprocal_angle_beta        ? 
_cell.reciprocal_angle_gamma       ? 
_cell.reciprocal_angle_alpha_esd   ? 
_cell.reciprocal_angle_beta_esd    ? 
_cell.reciprocal_angle_gamma_esd   ? 
_cell.reciprocal_length_a          ? 
_cell.reciprocal_length_b          ? 
_cell.reciprocal_length_c          ? 
_cell.reciprocal_length_a_esd      ? 
_cell.reciprocal_length_b_esd      ? 
_cell.reciprocal_length_c_esd      ? 
_cell.pdbx_unique_axis             ? 
_cell.pdbx_esd_method              ? 
# 
_symmetry.entry_id                         7Y8P 
_symmetry.cell_setting                     ? 
_symmetry.Int_Tables_number                4 
_symmetry.space_group_name_Hall            ? 
_symmetry.space_group_name_H-M             'P 1 21 1' 
_symmetry.pdbx_full_space_group_name_H-M   ? 
# 
loop_
_entity.id 
_entity.type 
_entity.src_method 
_entity.pdbx_description 
_entity.formula_weight 
_entity.pdbx_number_of_molecules 
_entity.pdbx_ec 
_entity.pdbx_mutation 
_entity.pdbx_fragment 
_entity.details 
1 polymer     syn 
;RNA (5'-R(*GP*GP*AP*(IKS)P*(ILK)P*(IKS)P*GP*AP*GP*UP*CP*C)-3')
;
4016.217 2   ? ? ? ? 
2 non-polymer nat 'COBALT HEXAMMINE(III)'                                          161.116  3   ? ? ? ? 
3 water       nat water                                                            18.015   123 ? ? ? ? 
# 
_entity_poly.entity_id                      1 
_entity_poly.type                           polyribonucleotide 
_entity_poly.nstd_linkage                   no 
_entity_poly.nstd_monomer                   yes 
_entity_poly.pdbx_seq_one_letter_code       'GGA(IKS)(ILK)(IKS)GAGUCC' 
_entity_poly.pdbx_seq_one_letter_code_can   GGAXXXGAGUCC 
_entity_poly.pdbx_strand_id                 A,B 
_entity_poly.pdbx_target_identifier         ? 
# 
loop_
_entity_poly_seq.entity_id 
_entity_poly_seq.num 
_entity_poly_seq.mon_id 
_entity_poly_seq.hetero 
1 1  G   n 
1 2  G   n 
1 3  A   n 
1 4  IKS n 
1 5  ILK n 
1 6  IKS n 
1 7  G   n 
1 8  A   n 
1 9  G   n 
1 10 U   n 
1 11 C   n 
1 12 C   n 
# 
_pdbx_entity_src_syn.entity_id              1 
_pdbx_entity_src_syn.pdbx_src_id            1 
_pdbx_entity_src_syn.pdbx_alt_source_flag   sample 
_pdbx_entity_src_syn.pdbx_beg_seq_num       1 
_pdbx_entity_src_syn.pdbx_end_seq_num       12 
_pdbx_entity_src_syn.organism_scientific    'synthetic construct' 
_pdbx_entity_src_syn.organism_common_name   ? 
_pdbx_entity_src_syn.ncbi_taxonomy_id       32630 
_pdbx_entity_src_syn.details                ? 
# 
_struct_ref.id                         1 
_struct_ref.db_name                    PDB 
_struct_ref.db_code                    7Y8P 
_struct_ref.pdbx_db_accession          7Y8P 
_struct_ref.pdbx_db_isoform            ? 
_struct_ref.entity_id                  1 
_struct_ref.pdbx_seq_one_letter_code   ? 
_struct_ref.pdbx_align_begin           1 
# 
loop_
_struct_ref_seq.align_id 
_struct_ref_seq.ref_id 
_struct_ref_seq.pdbx_PDB_id_code 
_struct_ref_seq.pdbx_strand_id 
_struct_ref_seq.seq_align_beg 
_struct_ref_seq.pdbx_seq_align_beg_ins_code 
_struct_ref_seq.seq_align_end 
_struct_ref_seq.pdbx_seq_align_end_ins_code 
_struct_ref_seq.pdbx_db_accession 
_struct_ref_seq.db_align_beg 
_struct_ref_seq.pdbx_db_align_beg_ins_code 
_struct_ref_seq.db_align_end 
_struct_ref_seq.pdbx_db_align_end_ins_code 
_struct_ref_seq.pdbx_auth_seq_align_beg 
_struct_ref_seq.pdbx_auth_seq_align_end 
1 1 7Y8P A 1 ? 12 ? 7Y8P 1 ? 12 ? 1 12 
2 1 7Y8P B 1 ? 12 ? 7Y8P 1 ? 12 ? 1 12 
# 
loop_
_chem_comp.id 
_chem_comp.type 
_chem_comp.mon_nstd_flag 
_chem_comp.name 
_chem_comp.pdbx_synonyms 
_chem_comp.formula 
_chem_comp.formula_weight 
A   'RNA linking' y "ADENOSINE-5'-MONOPHOSPHATE" ? 'C10 H14 N5 O7 P'   347.221 
C   'RNA linking' y "CYTIDINE-5'-MONOPHOSPHATE" ? 'C9 H14 N3 O8 P'    323.197 
G   'RNA linking' y "GUANOSINE-5'-MONOPHOSPHATE" ? 'C10 H14 N5 O8 P'   363.221 
HOH non-polymer   . WATER ? 'H2 O'              18.015  
IKS 'RNA linking' . 
'[(2~{R},3~{S},4~{R},5~{R})-5-(4-azanyl-2-oxidanylidene-pyrimidin-1-yl)-3,4-bis(oxidanyl)selenolan-2-yl]methyl dihydrogen phosphate' 
? 'C9 H14 N3 O7 P Se' 386.157 
ILK 'RNA linking' . 
'[(2~{R},3~{S},4~{R},5~{R})-5-[2,4-bis(oxidanylidene)pyrimidin-1-yl]-3,4-bis(oxidanyl)selenolan-2-yl]methyl dihydrogen phosphate' 
? 'C9 H13 N2 O8 P Se' 387.142 
NCO non-polymer   . 'COBALT HEXAMMINE(III)' ? 'Co H18 N6 3'       161.116 
U   'RNA linking' y "URIDINE-5'-MONOPHOSPHATE" ? 'C9 H13 N2 O9 P'    324.181 
# 
_exptl.absorpt_coefficient_mu     ? 
_exptl.absorpt_correction_T_max   ? 
_exptl.absorpt_correction_T_min   ? 
_exptl.absorpt_correction_type    ? 
_exptl.absorpt_process_details    ? 
_exptl.entry_id                   7Y8P 
_exptl.crystals_number            1 
_exptl.details                    ? 
_exptl.method                     'X-RAY DIFFRACTION' 
_exptl.method_details             ? 
# 
_exptl_crystal.colour                       ? 
_exptl_crystal.density_diffrn               ? 
_exptl_crystal.density_Matthews             1.87 
_exptl_crystal.density_method               ? 
_exptl_crystal.density_percent_sol          34.21 
_exptl_crystal.description                  'The entry contains friedel pairs in F_plus/minus columns' 
_exptl_crystal.F_000                        ? 
_exptl_crystal.id                           1 
_exptl_crystal.preparation                  ? 
_exptl_crystal.size_max                     ? 
_exptl_crystal.size_mid                     ? 
_exptl_crystal.size_min                     ? 
_exptl_crystal.size_rad                     ? 
_exptl_crystal.colour_lustre                ? 
_exptl_crystal.colour_modifier              ? 
_exptl_crystal.colour_primary               ? 
_exptl_crystal.density_meas                 ? 
_exptl_crystal.density_meas_esd             ? 
_exptl_crystal.density_meas_gt              ? 
_exptl_crystal.density_meas_lt              ? 
_exptl_crystal.density_meas_temp            ? 
_exptl_crystal.density_meas_temp_esd        ? 
_exptl_crystal.density_meas_temp_gt         ? 
_exptl_crystal.density_meas_temp_lt         ? 
_exptl_crystal.pdbx_crystal_image_url       ? 
_exptl_crystal.pdbx_crystal_image_format    ? 
_exptl_crystal.pdbx_mosaicity               ? 
_exptl_crystal.pdbx_mosaicity_esd           ? 
_exptl_crystal.pdbx_mosaic_method           ? 
_exptl_crystal.pdbx_mosaic_block_size       ? 
_exptl_crystal.pdbx_mosaic_block_size_esd   ? 
# 
_exptl_crystal_grow.apparatus       ? 
_exptl_crystal_grow.atmosphere      ? 
_exptl_crystal_grow.crystal_id      1 
_exptl_crystal_grow.details         ? 
_exptl_crystal_grow.method          'VAPOR DIFFUSION, HANGING DROP' 
_exptl_crystal_grow.method_ref      ? 
_exptl_crystal_grow.pH              ? 
_exptl_crystal_grow.pressure        ? 
_exptl_crystal_grow.pressure_esd    ? 
_exptl_crystal_grow.seeding         ? 
_exptl_crystal_grow.seeding_ref     ? 
_exptl_crystal_grow.temp            293 
_exptl_crystal_grow.temp_details    ? 
_exptl_crystal_grow.temp_esd        ? 
_exptl_crystal_grow.time            ? 
_exptl_crystal_grow.pdbx_details    'MPD, sodium cacodylate, hexammine cobalt' 
_exptl_crystal_grow.pdbx_pH_range   ? 
# 
_diffrn.ambient_environment              ? 
_diffrn.ambient_temp                     100 
_diffrn.ambient_temp_details             ? 
_diffrn.ambient_temp_esd                 ? 
_diffrn.crystal_id                       1 
_diffrn.crystal_support                  ? 
_diffrn.crystal_treatment                ? 
_diffrn.details                          ? 
_diffrn.id                               1 
_diffrn.ambient_pressure                 ? 
_diffrn.ambient_pressure_esd             ? 
_diffrn.ambient_pressure_gt              ? 
_diffrn.ambient_pressure_lt              ? 
_diffrn.ambient_temp_gt                  ? 
_diffrn.ambient_temp_lt                  ? 
_diffrn.pdbx_serial_crystal_experiment   N 
# 
_diffrn_detector.details                      ? 
_diffrn_detector.detector                     PIXEL 
_diffrn_detector.diffrn_id                    1 
_diffrn_detector.type                         'DECTRIS EIGER X 4M' 
_diffrn_detector.area_resol_mean              ? 
_diffrn_detector.dtime                        ? 
_diffrn_detector.pdbx_frames_total            ? 
_diffrn_detector.pdbx_collection_time_total   ? 
_diffrn_detector.pdbx_collection_date         2017-12-23 
_diffrn_detector.pdbx_frequency               ? 
# 
_diffrn_radiation.collimation                      ? 
_diffrn_radiation.diffrn_id                        1 
_diffrn_radiation.filter_edge                      ? 
_diffrn_radiation.inhomogeneity                    ? 
_diffrn_radiation.monochromator                    ? 
_diffrn_radiation.polarisn_norm                    ? 
_diffrn_radiation.polarisn_ratio                   ? 
_diffrn_radiation.probe                            ? 
_diffrn_radiation.type                             ? 
_diffrn_radiation.xray_symbol                      ? 
_diffrn_radiation.wavelength_id                    1 
_diffrn_radiation.pdbx_monochromatic_or_laue_m_l   M 
_diffrn_radiation.pdbx_wavelength_list             ? 
_diffrn_radiation.pdbx_wavelength                  ? 
_diffrn_radiation.pdbx_diffrn_protocol             'SINGLE WAVELENGTH' 
_diffrn_radiation.pdbx_analyzer                    ? 
_diffrn_radiation.pdbx_scattering_type             x-ray 
# 
_diffrn_radiation_wavelength.id           1 
_diffrn_radiation_wavelength.wavelength   1.1 
_diffrn_radiation_wavelength.wt           1.0 
# 
_diffrn_source.current                     ? 
_diffrn_source.details                     ? 
_diffrn_source.diffrn_id                   1 
_diffrn_source.power                       ? 
_diffrn_source.size                        ? 
_diffrn_source.source                      SYNCHROTRON 
_diffrn_source.target                      ? 
_diffrn_source.type                        'PHOTON FACTORY BEAMLINE BL-1A' 
_diffrn_source.voltage                     ? 
_diffrn_source.take-off_angle              ? 
_diffrn_source.pdbx_wavelength_list        1.1 
_diffrn_source.pdbx_wavelength             ? 
_diffrn_source.pdbx_synchrotron_beamline   BL-1A 
_diffrn_source.pdbx_synchrotron_site       'Photon Factory' 
# 
_reflns.B_iso_Wilson_estimate                          17.367 
_reflns.entry_id                                       7Y8P 
_reflns.data_reduction_details                         ? 
_reflns.data_reduction_method                          ? 
_reflns.d_resolution_high                              1.500 
_reflns.d_resolution_low                               29.250 
_reflns.details                                        ? 
_reflns.limit_h_max                                    ? 
_reflns.limit_h_min                                    ? 
_reflns.limit_k_max                                    ? 
_reflns.limit_k_min                                    ? 
_reflns.limit_l_max                                    ? 
_reflns.limit_l_min                                    ? 
_reflns.number_all                                     ? 
_reflns.number_obs                                     18427 
_reflns.observed_criterion                             ? 
_reflns.observed_criterion_F_max                       ? 
_reflns.observed_criterion_F_min                       ? 
_reflns.observed_criterion_I_max                       ? 
_reflns.observed_criterion_I_min                       ? 
_reflns.observed_criterion_sigma_F                     ? 
_reflns.observed_criterion_sigma_I                     ? 
_reflns.percent_possible_obs                           98.500 
_reflns.R_free_details                                 ? 
_reflns.Rmerge_F_all                                   ? 
_reflns.Rmerge_F_obs                                   ? 
_reflns.Friedel_coverage                               ? 
_reflns.number_gt                                      ? 
_reflns.threshold_expression                           ? 
_reflns.pdbx_redundancy                                3.369 
_reflns.pdbx_Rmerge_I_obs                              0.080 
_reflns.pdbx_Rmerge_I_all                              ? 
_reflns.pdbx_Rsym_value                                ? 
_reflns.pdbx_netI_over_av_sigmaI                       ? 
_reflns.pdbx_netI_over_sigmaI                          11.180 
_reflns.pdbx_res_netI_over_av_sigmaI_2                 ? 
_reflns.pdbx_res_netI_over_sigmaI_2                    ? 
_reflns.pdbx_chi_squared                               1.105 
_reflns.pdbx_scaling_rejects                           ? 
_reflns.pdbx_d_res_high_opt                            ? 
_reflns.pdbx_d_res_low_opt                             ? 
_reflns.pdbx_d_res_opt_method                          ? 
_reflns.phase_calculation_details                      ? 
_reflns.pdbx_Rrim_I_all                                0.095 
_reflns.pdbx_Rpim_I_all                                ? 
_reflns.pdbx_d_opt                                     ? 
_reflns.pdbx_number_measured_all                       62087 
_reflns.pdbx_diffrn_id                                 1 
_reflns.pdbx_ordinal                                   1 
_reflns.pdbx_CC_half                                   0.994 
_reflns.pdbx_CC_star                                   ? 
_reflns.pdbx_R_split                                   ? 
_reflns.pdbx_aniso_diffraction_limit_axis_1_ortho[1]   ? 
_reflns.pdbx_aniso_diffraction_limit_axis_1_ortho[2]   ? 
_reflns.pdbx_aniso_diffraction_limit_axis_1_ortho[3]   ? 
_reflns.pdbx_aniso_diffraction_limit_axis_2_ortho[1]   ? 
_reflns.pdbx_aniso_diffraction_limit_axis_2_ortho[2]   ? 
_reflns.pdbx_aniso_diffraction_limit_axis_2_ortho[3]   ? 
_reflns.pdbx_aniso_diffraction_limit_axis_3_ortho[1]   ? 
_reflns.pdbx_aniso_diffraction_limit_axis_3_ortho[2]   ? 
_reflns.pdbx_aniso_diffraction_limit_axis_3_ortho[3]   ? 
_reflns.pdbx_aniso_diffraction_limit_1                 ? 
_reflns.pdbx_aniso_diffraction_limit_2                 ? 
_reflns.pdbx_aniso_diffraction_limit_3                 ? 
_reflns.pdbx_aniso_B_tensor_eigenvector_1_ortho[1]     ? 
_reflns.pdbx_aniso_B_tensor_eigenvector_1_ortho[2]     ? 
_reflns.pdbx_aniso_B_tensor_eigenvector_1_ortho[3]     ? 
_reflns.pdbx_aniso_B_tensor_eigenvector_2_ortho[1]     ? 
_reflns.pdbx_aniso_B_tensor_eigenvector_2_ortho[2]     ? 
_reflns.pdbx_aniso_B_tensor_eigenvector_2_ortho[3]     ? 
_reflns.pdbx_aniso_B_tensor_eigenvector_3_ortho[1]     ? 
_reflns.pdbx_aniso_B_tensor_eigenvector_3_ortho[2]     ? 
_reflns.pdbx_aniso_B_tensor_eigenvector_3_ortho[3]     ? 
_reflns.pdbx_aniso_B_tensor_eigenvalue_1               ? 
_reflns.pdbx_aniso_B_tensor_eigenvalue_2               ? 
_reflns.pdbx_aniso_B_tensor_eigenvalue_3               ? 
_reflns.pdbx_orthogonalization_convention              ? 
_reflns.pdbx_percent_possible_ellipsoidal              ? 
_reflns.pdbx_percent_possible_spherical                ? 
_reflns.pdbx_percent_possible_ellipsoidal_anomalous    ? 
_reflns.pdbx_percent_possible_spherical_anomalous      ? 
_reflns.pdbx_redundancy_anomalous                      ? 
_reflns.pdbx_CC_half_anomalous                         ? 
_reflns.pdbx_absDiff_over_sigma_anomalous              ? 
_reflns.pdbx_percent_possible_anomalous                ? 
_reflns.pdbx_observed_signal_threshold                 ? 
_reflns.pdbx_signal_type                               ? 
_reflns.pdbx_signal_details                            ? 
_reflns.pdbx_signal_software_id                        ? 
_reflns.pdbx_CC_split_method                           ? 
# 
loop_
_reflns_shell.d_res_high 
_reflns_shell.d_res_low 
_reflns_shell.meanI_over_sigI_all 
_reflns_shell.meanI_over_sigI_obs 
_reflns_shell.number_measured_all 
_reflns_shell.number_measured_obs 
_reflns_shell.number_possible 
_reflns_shell.number_unique_all 
_reflns_shell.number_unique_obs 
_reflns_shell.percent_possible_all 
_reflns_shell.percent_possible_obs 
_reflns_shell.Rmerge_F_all 
_reflns_shell.Rmerge_F_obs 
_reflns_shell.Rmerge_I_all 
_reflns_shell.Rmerge_I_obs 
_reflns_shell.meanI_over_sigI_gt 
_reflns_shell.meanI_over_uI_all 
_reflns_shell.meanI_over_uI_gt 
_reflns_shell.number_measured_gt 
_reflns_shell.number_unique_gt 
_reflns_shell.percent_possible_gt 
_reflns_shell.Rmerge_F_gt 
_reflns_shell.Rmerge_I_gt 
_reflns_shell.pdbx_redundancy 
_reflns_shell.pdbx_Rsym_value 
_reflns_shell.pdbx_chi_squared 
_reflns_shell.pdbx_netI_over_sigmaI_all 
_reflns_shell.pdbx_netI_over_sigmaI_obs 
_reflns_shell.pdbx_Rrim_I_all 
_reflns_shell.pdbx_Rpim_I_all 
_reflns_shell.pdbx_rejects 
_reflns_shell.pdbx_ordinal 
_reflns_shell.pdbx_diffrn_id 
_reflns_shell.pdbx_CC_half 
_reflns_shell.pdbx_CC_star 
_reflns_shell.pdbx_R_split 
_reflns_shell.pdbx_percent_possible_ellipsoidal 
_reflns_shell.pdbx_percent_possible_spherical 
_reflns_shell.pdbx_percent_possible_ellipsoidal_anomalous 
_reflns_shell.pdbx_percent_possible_spherical_anomalous 
_reflns_shell.pdbx_redundancy_anomalous 
_reflns_shell.pdbx_CC_half_anomalous 
_reflns_shell.pdbx_absDiff_over_sigma_anomalous 
_reflns_shell.pdbx_percent_possible_anomalous 
1.500 1.540  ? 4.240  ? 4352 1355 ? 1312 96.800 ? ? ? ? 0.281 ? ? ? ? ? ? ? ? 3.317 ? ? ? ? 0.336 ? ? 1  1 0.946 ? ? ? ? ? ? ? ? ? 
? 
1.540 1.580  ? 4.970  ? 4613 1368 ? 1353 98.900 ? ? ? ? 0.248 ? ? ? ? ? ? ? ? 3.409 ? ? ? ? 0.295 ? ? 2  1 0.966 ? ? ? ? ? ? ? ? ? 
? 
1.580 1.630  ? 6.140  ? 4316 1282 ? 1273 99.300 ? ? ? ? 0.186 ? ? ? ? ? ? ? ? 3.390 ? ? ? ? 0.221 ? ? 3  1 0.988 ? ? ? ? ? ? ? ? ? 
? 
1.630 1.680  ? 6.880  ? 4269 1299 ? 1287 99.100 ? ? ? ? 0.170 ? ? ? ? ? ? ? ? 3.317 ? ? ? ? 0.204 ? ? 4  1 0.982 ? ? ? ? ? ? ? ? ? 
? 
1.680 1.730  ? 7.910  ? 4078 1233 ? 1212 98.300 ? ? ? ? 0.152 ? ? ? ? ? ? ? ? 3.365 ? ? ? ? 0.181 ? ? 5  1 0.985 ? ? ? ? ? ? ? ? ? 
? 
1.730 1.790  ? 8.290  ? 3948 1218 ? 1211 99.400 ? ? ? ? 0.142 ? ? ? ? ? ? ? ? 3.260 ? ? ? ? 0.169 ? ? 6  1 0.980 ? ? ? ? ? ? ? ? ? 
? 
1.790 1.860  ? 9.420  ? 3634 1131 ? 1122 99.200 ? ? ? ? 0.126 ? ? ? ? ? ? ? ? 3.239 ? ? ? ? 0.151 ? ? 7  1 0.973 ? ? ? ? ? ? ? ? ? 
? 
1.860 1.940  ? 10.270 ? 3537 1124 ? 1103 98.100 ? ? ? ? 0.122 ? ? ? ? ? ? ? ? 3.207 ? ? ? ? 0.147 ? ? 8  1 0.977 ? ? ? ? ? ? ? ? ? 
? 
1.940 2.020  ? 10.950 ? 3253 1058 ? 1043 98.600 ? ? ? ? 0.106 ? ? ? ? ? ? ? ? 3.119 ? ? ? ? 0.129 ? ? 9  1 0.981 ? ? ? ? ? ? ? ? ? 
? 
2.020 2.120  ? 11.130 ? 2905 1031 ? 1000 97.000 ? ? ? ? 0.100 ? ? ? ? ? ? ? ? 2.905 ? ? ? ? 0.123 ? ? 10 1 0.979 ? ? ? ? ? ? ? ? ? 
? 
2.120 2.230  ? 13.070 ? 3245 967  ? 959  99.200 ? ? ? ? 0.118 ? ? ? ? ? ? ? ? 3.384 ? ? ? ? 0.140 ? ? 11 1 0.981 ? ? ? ? ? ? ? ? ? 
? 
2.230 2.370  ? 14.050 ? 2812 887  ? 881  99.300 ? ? ? ? 0.086 ? ? ? ? ? ? ? ? 3.192 ? ? ? ? 0.104 ? ? 12 1 0.988 ? ? ? ? ? ? ? ? ? 
? 
2.370 2.530  ? 15.740 ? 3131 858  ? 853  99.400 ? ? ? ? 0.084 ? ? ? ? ? ? ? ? 3.671 ? ? ? ? 0.098 ? ? 13 1 0.991 ? ? ? ? ? ? ? ? ? 
? 
2.530 2.740  ? 17.200 ? 2957 811  ? 792  97.700 ? ? ? ? 0.080 ? ? ? ? ? ? ? ? 3.734 ? ? ? ? 0.094 ? ? 14 1 0.991 ? ? ? ? ? ? ? ? ? 
? 
2.740 3.000  ? 18.610 ? 2695 740  ? 721  97.400 ? ? ? ? 0.063 ? ? ? ? ? ? ? ? 3.738 ? ? ? ? 0.074 ? ? 15 1 0.995 ? ? ? ? ? ? ? ? ? 
? 
3.000 3.350  ? 19.800 ? 2414 665  ? 659  99.100 ? ? ? ? 0.065 ? ? ? ? ? ? ? ? 3.663 ? ? ? ? 0.076 ? ? 16 1 0.990 ? ? ? ? ? ? ? ? ? 
? 
3.350 3.870  ? 20.180 ? 2163 602  ? 591  98.200 ? ? ? ? 0.056 ? ? ? ? ? ? ? ? 3.660 ? ? ? ? 0.065 ? ? 17 1 0.997 ? ? ? ? ? ? ? ? ? 
? 
3.870 4.740  ? 21.340 ? 1754 480  ? 475  99.000 ? ? ? ? 0.053 ? ? ? ? ? ? ? ? 3.693 ? ? ? ? 0.063 ? ? 18 1 0.994 ? ? ? ? ? ? ? ? ? 
? 
4.740 6.700  ? 21.570 ? 1366 385  ? 380  98.700 ? ? ? ? 0.052 ? ? ? ? ? ? ? ? 3.595 ? ? ? ? 0.062 ? ? 19 1 0.995 ? ? ? ? ? ? ? ? ? 
? 
6.700 29.250 ? 21.160 ? 645  211  ? 200  94.800 ? ? ? ? 0.053 ? ? ? ? ? ? ? ? 3.225 ? ? ? ? 0.064 ? ? 20 1 0.994 ? ? ? ? ? ? ? ? ? 
? 
# 
_refine.aniso_B[1][1]                            ? 
_refine.aniso_B[1][2]                            ? 
_refine.aniso_B[1][3]                            ? 
_refine.aniso_B[2][2]                            ? 
_refine.aniso_B[2][3]                            ? 
_refine.aniso_B[3][3]                            ? 
_refine.B_iso_max                                34.260 
_refine.B_iso_mean                               13.9295 
_refine.B_iso_min                                6.560 
_refine.correlation_coeff_Fo_to_Fc               ? 
_refine.correlation_coeff_Fo_to_Fc_free          ? 
_refine.details                                  'The entry contains friedel pairs in F_plus/minus columns' 
_refine.diff_density_max                         ? 
_refine.diff_density_max_esd                     ? 
_refine.diff_density_min                         ? 
_refine.diff_density_min_esd                     ? 
_refine.diff_density_rms                         ? 
_refine.diff_density_rms_esd                     ? 
_refine.entry_id                                 7Y8P 
_refine.pdbx_refine_id                           'X-RAY DIFFRACTION' 
_refine.ls_abs_structure_details                 ? 
_refine.ls_abs_structure_Flack                   ? 
_refine.ls_abs_structure_Flack_esd               ? 
_refine.ls_abs_structure_Rogers                  ? 
_refine.ls_abs_structure_Rogers_esd              ? 
_refine.ls_d_res_high                            1.5000 
_refine.ls_d_res_low                             29.2500 
_refine.ls_extinction_coef                       ? 
_refine.ls_extinction_coef_esd                   ? 
_refine.ls_extinction_expression                 ? 
_refine.ls_extinction_method                     ? 
_refine.ls_goodness_of_fit_all                   ? 
_refine.ls_goodness_of_fit_all_esd               ? 
_refine.ls_goodness_of_fit_obs                   ? 
_refine.ls_goodness_of_fit_obs_esd               ? 
_refine.ls_hydrogen_treatment                    ? 
_refine.ls_matrix_type                           ? 
_refine.ls_number_constraints                    ? 
_refine.ls_number_parameters                     ? 
_refine.ls_number_reflns_all                     ? 
_refine.ls_number_reflns_obs                     18383 
_refine.ls_number_reflns_R_free                  1827 
_refine.ls_number_reflns_R_work                  16556 
_refine.ls_number_restraints                     ? 
_refine.ls_percent_reflns_obs                    98.4400 
_refine.ls_percent_reflns_R_free                 9.9400 
_refine.ls_R_factor_all                          ? 
_refine.ls_R_factor_obs                          0.1634 
_refine.ls_R_factor_R_free                       0.1986 
_refine.ls_R_factor_R_free_error                 ? 
_refine.ls_R_factor_R_free_error_details         ? 
_refine.ls_R_factor_R_work                       0.1596 
_refine.ls_R_Fsqd_factor_obs                     ? 
_refine.ls_R_I_factor_obs                        ? 
_refine.ls_redundancy_reflns_all                 ? 
_refine.ls_redundancy_reflns_obs                 ? 
_refine.ls_restrained_S_all                      ? 
_refine.ls_restrained_S_obs                      ? 
_refine.ls_shift_over_esd_max                    ? 
_refine.ls_shift_over_esd_mean                   ? 
_refine.ls_structure_factor_coef                 ? 
_refine.ls_weighting_details                     ? 
_refine.ls_weighting_scheme                      ? 
_refine.ls_wR_factor_all                         ? 
_refine.ls_wR_factor_obs                         ? 
_refine.ls_wR_factor_R_free                      ? 
_refine.ls_wR_factor_R_work                      ? 
_refine.occupancy_max                            ? 
_refine.occupancy_min                            ? 
_refine.solvent_model_details                    'FLAT BULK SOLVENT MODEL' 
_refine.solvent_model_param_bsol                 ? 
_refine.solvent_model_param_ksol                 ? 
_refine.pdbx_R_complete                          ? 
_refine.ls_R_factor_gt                           ? 
_refine.ls_goodness_of_fit_gt                    ? 
_refine.ls_goodness_of_fit_ref                   ? 
_refine.ls_shift_over_su_max                     ? 
_refine.ls_shift_over_su_max_lt                  ? 
_refine.ls_shift_over_su_mean                    ? 
_refine.ls_shift_over_su_mean_lt                 ? 
_refine.pdbx_ls_sigma_I                          ? 
_refine.pdbx_ls_sigma_F                          1.440 
_refine.pdbx_ls_sigma_Fsqd                       ? 
_refine.pdbx_data_cutoff_high_absF               ? 
_refine.pdbx_data_cutoff_high_rms_absF           ? 
_refine.pdbx_data_cutoff_low_absF                ? 
_refine.pdbx_isotropic_thermal_model             ? 
_refine.pdbx_ls_cross_valid_method               THROUGHOUT 
_refine.pdbx_method_to_determine_struct          'MOLECULAR REPLACEMENT' 
_refine.pdbx_starting_model                      5ay2 
_refine.pdbx_stereochemistry_target_values       ML 
_refine.pdbx_R_Free_selection_details            ? 
_refine.pdbx_stereochem_target_val_spec_case     ? 
_refine.pdbx_overall_ESU_R                       ? 
_refine.pdbx_overall_ESU_R_Free                  ? 
_refine.pdbx_solvent_vdw_probe_radii             1.1100 
_refine.pdbx_solvent_ion_probe_radii             ? 
_refine.pdbx_solvent_shrinkage_radii             0.9000 
_refine.pdbx_real_space_R                        ? 
_refine.pdbx_density_correlation                 ? 
_refine.pdbx_pd_number_of_powder_patterns        ? 
_refine.pdbx_pd_number_of_points                 ? 
_refine.pdbx_pd_meas_number_of_points            ? 
_refine.pdbx_pd_proc_ls_prof_R_factor            ? 
_refine.pdbx_pd_proc_ls_prof_wR_factor           ? 
_refine.pdbx_pd_Marquardt_correlation_coeff      ? 
_refine.pdbx_pd_Fsqrd_R_factor                   ? 
_refine.pdbx_pd_ls_matrix_band_width             ? 
_refine.pdbx_overall_phase_error                 20.9500 
_refine.pdbx_overall_SU_R_free_Cruickshank_DPI   ? 
_refine.pdbx_overall_SU_R_free_Blow_DPI          ? 
_refine.pdbx_overall_SU_R_Blow_DPI               ? 
_refine.pdbx_TLS_residual_ADP_flag               ? 
_refine.pdbx_diffrn_id                           1 
_refine.overall_SU_B                             ? 
_refine.overall_SU_ML                            0.1600 
_refine.overall_SU_R_Cruickshank_DPI             ? 
_refine.overall_SU_R_free                        ? 
_refine.overall_FOM_free_R_set                   ? 
_refine.overall_FOM_work_R_set                   ? 
_refine.pdbx_average_fsc_overall                 ? 
_refine.pdbx_average_fsc_work                    ? 
_refine.pdbx_average_fsc_free                    ? 
# 
_refine_hist.pdbx_refine_id                   'X-RAY DIFFRACTION' 
_refine_hist.cycle_id                         final 
_refine_hist.details                          ? 
_refine_hist.d_res_high                       1.5000 
_refine_hist.d_res_low                        29.2500 
_refine_hist.number_atoms_solvent             124 
_refine_hist.number_atoms_total               658 
_refine_hist.number_reflns_all                ? 
_refine_hist.number_reflns_obs                ? 
_refine_hist.number_reflns_R_free             ? 
_refine_hist.number_reflns_R_work             ? 
_refine_hist.R_factor_all                     ? 
_refine_hist.R_factor_obs                     ? 
_refine_hist.R_factor_R_free                  ? 
_refine_hist.R_factor_R_work                  ? 
_refine_hist.pdbx_number_residues_total       24 
_refine_hist.pdbx_B_iso_mean_ligand           18.28 
_refine_hist.pdbx_B_iso_mean_solvent          21.35 
_refine_hist.pdbx_number_atoms_protein        0 
_refine_hist.pdbx_number_atoms_nucleic_acid   506 
_refine_hist.pdbx_number_atoms_ligand         28 
_refine_hist.pdbx_number_atoms_lipid          ? 
_refine_hist.pdbx_number_atoms_carb           ? 
_refine_hist.pdbx_pseudo_atom_details         ? 
# 
loop_
_refine_ls_shell.pdbx_refine_id 
_refine_ls_shell.d_res_high 
_refine_ls_shell.d_res_low 
_refine_ls_shell.number_reflns_all 
_refine_ls_shell.number_reflns_obs 
_refine_ls_shell.number_reflns_R_free 
_refine_ls_shell.number_reflns_R_work 
_refine_ls_shell.percent_reflns_obs 
_refine_ls_shell.percent_reflns_R_free 
_refine_ls_shell.R_factor_all 
_refine_ls_shell.R_factor_obs 
_refine_ls_shell.R_factor_R_free 
_refine_ls_shell.R_factor_R_free_error 
_refine_ls_shell.R_factor_R_work 
_refine_ls_shell.redundancy_reflns_all 
_refine_ls_shell.redundancy_reflns_obs 
_refine_ls_shell.wR_factor_all 
_refine_ls_shell.wR_factor_obs 
_refine_ls_shell.wR_factor_R_free 
_refine_ls_shell.wR_factor_R_work 
_refine_ls_shell.pdbx_R_complete 
_refine_ls_shell.pdbx_total_number_of_bins_used 
_refine_ls_shell.pdbx_phase_error 
_refine_ls_shell.pdbx_fsc_work 
_refine_ls_shell.pdbx_fsc_free 
'X-RAY DIFFRACTION' 1.5000 1.5400  1338 . 135 1203 95.0000  . . . 0.2499 0.0000 0.2295 . . . . . . . 13 . . . 
'X-RAY DIFFRACTION' 1.5400 1.5800  1468 . 142 1326 99.0000  . . . 0.3099 0.0000 0.2091 . . . . . . . 13 . . . 
'X-RAY DIFFRACTION' 1.5800 1.6400  1375 . 136 1239 99.0000  . . . 0.2422 0.0000 0.1865 . . . . . . . 13 . . . 
'X-RAY DIFFRACTION' 1.6400 1.6900  1437 . 148 1289 99.0000  . . . 0.2870 0.0000 0.1868 . . . . . . . 13 . . . 
'X-RAY DIFFRACTION' 1.6900 1.7600  1400 . 147 1253 99.0000  . . . 0.2236 0.0000 0.1850 . . . . . . . 13 . . . 
'X-RAY DIFFRACTION' 1.7600 1.8400  1438 . 149 1289 99.0000  . . . 0.2397 0.0000 0.1959 . . . . . . . 13 . . . 
'X-RAY DIFFRACTION' 1.8400 1.9400  1445 . 137 1308 99.0000  . . . 0.2108 0.0000 0.1862 . . . . . . . 13 . . . 
'X-RAY DIFFRACTION' 1.9400 2.0600  1397 . 142 1255 98.0000  . . . 0.1961 0.0000 0.1603 . . . . . . . 13 . . . 
'X-RAY DIFFRACTION' 2.0600 2.2200  1413 . 136 1277 99.0000  . . . 0.1741 0.0000 0.1634 . . . . . . . 13 . . . 
'X-RAY DIFFRACTION' 2.2200 2.4400  1435 . 146 1289 100.0000 . . . 0.1839 0.0000 0.1523 . . . . . . . 13 . . . 
'X-RAY DIFFRACTION' 2.4400 2.8000  1405 . 139 1266 99.0000  . . . 0.1989 0.0000 0.1573 . . . . . . . 13 . . . 
'X-RAY DIFFRACTION' 2.8000 3.5200  1415 . 140 1275 98.0000  . . . 0.2003 0.0000 0.1308 . . . . . . . 13 . . . 
'X-RAY DIFFRACTION' 3.5200 29.2500 1417 . 130 1287 98.0000  . . . 0.1347 0.0000 0.1248 . . . . . . . 13 . . . 
# 
_struct.entry_id                     7Y8P 
_struct.title                        
;Crystal structure of 4'-selenoRNA duplex
;
_struct.pdbx_model_details           ? 
_struct.pdbx_formula_weight          ? 
_struct.pdbx_formula_weight_method   ? 
_struct.pdbx_model_type_details      ? 
_struct.pdbx_CASP_flag               N 
# 
_struct_keywords.entry_id        7Y8P 
_struct_keywords.text            'RNA, selen' 
_struct_keywords.pdbx_keywords   RNA 
# 
loop_
_struct_asym.id 
_struct_asym.pdbx_blank_PDB_chainid_flag 
_struct_asym.pdbx_modified 
_struct_asym.entity_id 
_struct_asym.details 
A N N 1 ? 
B N N 1 ? 
C N N 2 ? 
D N N 2 ? 
E N N 2 ? 
F N N 3 ? 
G N N 3 ? 
# 
loop_
_struct_conn.id 
_struct_conn.conn_type_id 
_struct_conn.pdbx_leaving_atom_flag 
_struct_conn.pdbx_PDB_id 
_struct_conn.ptnr1_label_asym_id 
_struct_conn.ptnr1_label_comp_id 
_struct_conn.ptnr1_label_seq_id 
_struct_conn.ptnr1_label_atom_id 
_struct_conn.pdbx_ptnr1_label_alt_id 
_struct_conn.pdbx_ptnr1_PDB_ins_code 
_struct_conn.pdbx_ptnr1_standard_comp_id 
_struct_conn.ptnr1_symmetry 
_struct_conn.ptnr2_label_asym_id 
_struct_conn.ptnr2_label_comp_id 
_struct_conn.ptnr2_label_seq_id 
_struct_conn.ptnr2_label_atom_id 
_struct_conn.pdbx_ptnr2_label_alt_id 
_struct_conn.pdbx_ptnr2_PDB_ins_code 
_struct_conn.ptnr1_auth_asym_id 
_struct_conn.ptnr1_auth_comp_id 
_struct_conn.ptnr1_auth_seq_id 
_struct_conn.ptnr2_auth_asym_id 
_struct_conn.ptnr2_auth_comp_id 
_struct_conn.ptnr2_auth_seq_id 
_struct_conn.ptnr2_symmetry 
_struct_conn.pdbx_ptnr3_label_atom_id 
_struct_conn.pdbx_ptnr3_label_seq_id 
_struct_conn.pdbx_ptnr3_label_comp_id 
_struct_conn.pdbx_ptnr3_label_asym_id 
_struct_conn.pdbx_ptnr3_label_alt_id 
_struct_conn.pdbx_ptnr3_PDB_ins_code 
_struct_conn.details 
_struct_conn.pdbx_dist_value 
_struct_conn.pdbx_value_order 
_struct_conn.pdbx_role 
covale1  covale one  ? A A   3  "O3'" ? ? ? 1_555 A IKS 4  P  ? ? A A   3  A IKS 4  1_555 ? ? ? ? ? ? ?            1.552 ? ? 
covale2  covale none ? A IKS 4  "O3'" ? ? ? 1_555 A ILK 5  P  ? ? A IKS 4  A ILK 5  1_555 ? ? ? ? ? ? ?            1.558 ? ? 
covale3  covale none ? A ILK 5  "O3'" ? ? ? 1_555 A IKS 6  P  ? ? A ILK 5  A IKS 6  1_555 ? ? ? ? ? ? ?            1.564 ? ? 
covale4  covale one  ? A IKS 6  "O3'" ? ? ? 1_555 A G   7  P  ? ? A IKS 6  A G   7  1_555 ? ? ? ? ? ? ?            1.558 ? ? 
covale5  covale one  ? B A   3  "O3'" ? ? ? 1_555 B IKS 4  P  ? ? B A   3  B IKS 4  1_555 ? ? ? ? ? ? ?            1.560 ? ? 
covale6  covale none ? B IKS 4  "O3'" ? ? ? 1_555 B ILK 5  P  ? ? B IKS 4  B ILK 5  1_555 ? ? ? ? ? ? ?            1.556 ? ? 
covale7  covale none ? B ILK 5  "O3'" ? ? ? 1_555 B IKS 6  P  ? ? B ILK 5  B IKS 6  1_555 ? ? ? ? ? ? ?            1.568 ? ? 
covale8  covale one  ? B IKS 6  "O3'" ? ? ? 1_555 B G   7  P  ? ? B IKS 6  B G   7  1_555 ? ? ? ? ? ? ?            1.560 ? ? 
hydrog1  hydrog ?    ? A G   1  N1    ? ? ? 1_555 B C   12 N3 ? ? A G   1  B C   12 1_555 ? ? ? ? ? ? WATSON-CRICK ?     ? ? 
hydrog2  hydrog ?    ? A G   1  N2    ? ? ? 1_555 B C   12 O2 ? ? A G   1  B C   12 1_555 ? ? ? ? ? ? WATSON-CRICK ?     ? ? 
hydrog3  hydrog ?    ? A G   1  O6    ? ? ? 1_555 B C   12 N4 ? ? A G   1  B C   12 1_555 ? ? ? ? ? ? WATSON-CRICK ?     ? ? 
hydrog4  hydrog ?    ? A G   2  N1    ? ? ? 1_555 B C   11 N3 ? ? A G   2  B C   11 1_555 ? ? ? ? ? ? WATSON-CRICK ?     ? ? 
hydrog5  hydrog ?    ? A G   2  N2    ? ? ? 1_555 B C   11 O2 ? ? A G   2  B C   11 1_555 ? ? ? ? ? ? WATSON-CRICK ?     ? ? 
hydrog6  hydrog ?    ? A G   2  O6    ? ? ? 1_555 B C   11 N4 ? ? A G   2  B C   11 1_555 ? ? ? ? ? ? WATSON-CRICK ?     ? ? 
hydrog7  hydrog ?    ? A A   3  N1    ? ? ? 1_555 B U   10 N3 ? ? A A   3  B U   10 1_555 ? ? ? ? ? ? WATSON-CRICK ?     ? ? 
hydrog8  hydrog ?    ? A A   3  N6    ? ? ? 1_555 B U   10 O4 ? ? A A   3  B U   10 1_555 ? ? ? ? ? ? WATSON-CRICK ?     ? ? 
hydrog9  hydrog ?    ? A U   10 N3    ? ? ? 1_555 B A   3  N1 ? ? A U   10 B A   3  1_555 ? ? ? ? ? ? WATSON-CRICK ?     ? ? 
hydrog10 hydrog ?    ? A U   10 O4    ? ? ? 1_555 B A   3  N6 ? ? A U   10 B A   3  1_555 ? ? ? ? ? ? WATSON-CRICK ?     ? ? 
hydrog11 hydrog ?    ? A C   11 N3    ? ? ? 1_555 B G   2  N1 ? ? A C   11 B G   2  1_555 ? ? ? ? ? ? WATSON-CRICK ?     ? ? 
hydrog12 hydrog ?    ? A C   11 N4    ? ? ? 1_555 B G   2  O6 ? ? A C   11 B G   2  1_555 ? ? ? ? ? ? WATSON-CRICK ?     ? ? 
hydrog13 hydrog ?    ? A C   11 O2    ? ? ? 1_555 B G   2  N2 ? ? A C   11 B G   2  1_555 ? ? ? ? ? ? WATSON-CRICK ?     ? ? 
hydrog14 hydrog ?    ? A C   12 N3    ? ? ? 1_555 B G   1  N1 ? ? A C   12 B G   1  1_555 ? ? ? ? ? ? WATSON-CRICK ?     ? ? 
hydrog15 hydrog ?    ? A C   12 N4    ? ? ? 1_555 B G   1  O6 ? ? A C   12 B G   1  1_555 ? ? ? ? ? ? WATSON-CRICK ?     ? ? 
hydrog16 hydrog ?    ? A C   12 O2    ? ? ? 1_555 B G   1  N2 ? ? A C   12 B G   1  1_555 ? ? ? ? ? ? WATSON-CRICK ?     ? ? 
# 
loop_
_struct_conn_type.id 
_struct_conn_type.criteria 
_struct_conn_type.reference 
covale ? ? 
hydrog ? ? 
# 
_atom_sites.entry_id                    7Y8P 
_atom_sites.Cartn_transf_matrix[1][1]   ? 
_atom_sites.Cartn_transf_matrix[1][2]   ? 
_atom_sites.Cartn_transf_matrix[1][3]   ? 
_atom_sites.Cartn_transf_matrix[2][1]   ? 
_atom_sites.Cartn_transf_matrix[2][2]   ? 
_atom_sites.Cartn_transf_matrix[2][3]   ? 
_atom_sites.Cartn_transf_matrix[3][1]   ? 
_atom_sites.Cartn_transf_matrix[3][2]   ? 
_atom_sites.Cartn_transf_matrix[3][3]   ? 
_atom_sites.Cartn_transf_vector[1]      ? 
_atom_sites.Cartn_transf_vector[2]      ? 
_atom_sites.Cartn_transf_vector[3]      ? 
_atom_sites.fract_transf_matrix[1][1]   -0.03660604 
_atom_sites.fract_transf_matrix[1][2]   -0.01239500 
_atom_sites.fract_transf_matrix[1][3]   0.01193884 
_atom_sites.fract_transf_matrix[2][1]   0.00876487 
_atom_sites.fract_transf_matrix[2][2]   -0.02470460 
_atom_sites.fract_transf_matrix[2][3]   0.00122573 
_atom_sites.fract_transf_matrix[3][1]   -0.00405655 
_atom_sites.fract_transf_matrix[3][2]   0.00024531 
_atom_sites.fract_transf_matrix[3][3]   0.03395164 
_atom_sites.fract_transf_vector[1]      0.362587 
_atom_sites.fract_transf_vector[2]      -0.021740 
_atom_sites.fract_transf_vector[3]      1.129414 
_atom_sites.solution_primary            ? 
_atom_sites.solution_secondary          ? 
_atom_sites.solution_hydrogens          ? 
_atom_sites.special_details             ? 
# 
loop_
_atom_type.symbol 
C  
CO 
N  
O  
P  
SE 
# 
loop_
_atom_site.group_PDB 
_atom_site.id 
_atom_site.type_symbol 
_atom_site.label_atom_id 
_atom_site.label_alt_id 
_atom_site.label_comp_id 
_atom_site.label_asym_id 
_atom_site.label_entity_id 
_atom_site.label_seq_id 
_atom_site.pdbx_PDB_ins_code 
_atom_site.Cartn_x 
_atom_site.Cartn_y 
_atom_site.Cartn_z 
_atom_site.occupancy 
_atom_site.B_iso_or_equiv 
_atom_site.pdbx_formal_charge 
_atom_site.auth_seq_id 
_atom_site.auth_comp_id 
_atom_site.auth_asym_id 
_atom_site.auth_atom_id 
_atom_site.pdbx_PDB_model_num 
ATOM   1   O  "O5'" . G   A 1 1  ? 8.387   7.557   -8.721  1.00 19.15 ? 1   G   A "O5'" 1 
ATOM   2   C  "C5'" . G   A 1 1  ? 8.433   8.975   -8.751  1.00 16.61 ? 1   G   A "C5'" 1 
ATOM   3   C  "C4'" . G   A 1 1  ? 7.515   9.513   -9.818  1.00 15.64 ? 1   G   A "C4'" 1 
ATOM   4   O  "O4'" . G   A 1 1  ? 7.919   9.016   -11.111 1.00 15.11 ? 1   G   A "O4'" 1 
ATOM   5   C  "C3'" . G   A 1 1  ? 6.064   9.075   -9.694  1.00 14.25 ? 1   G   A "C3'" 1 
ATOM   6   O  "O3'" . G   A 1 1  ? 5.366   9.907   -8.806  1.00 12.88 ? 1   G   A "O3'" 1 
ATOM   7   C  "C2'" . G   A 1 1  ? 5.565   9.196   -11.111 1.00 13.62 ? 1   G   A "C2'" 1 
ATOM   8   O  "O2'" . G   A 1 1  ? 5.401   10.560  -11.432 1.00 12.97 ? 1   G   A "O2'" 1 
ATOM   9   C  "C1'" . G   A 1 1  ? 6.786   8.730   -11.887 1.00 14.48 ? 1   G   A "C1'" 1 
ATOM   10  N  N9    . G   A 1 1  ? 6.771   7.293   -12.140 1.00 11.02 ? 1   G   A N9    1 
ATOM   11  C  C8    . G   A 1 1  ? 7.611   6.353   -11.613 1.00 10.31 ? 1   G   A C8    1 
ATOM   12  N  N7    . G   A 1 1  ? 7.369   5.163   -12.066 1.00 12.31 ? 1   G   A N7    1 
ATOM   13  C  C5    . G   A 1 1  ? 6.302   5.343   -12.938 1.00 8.76  ? 1   G   A C5    1 
ATOM   14  C  C6    . G   A 1 1  ? 5.640   4.373   -13.739 1.00 10.96 ? 1   G   A C6    1 
ATOM   15  O  O6    . G   A 1 1  ? 5.874   3.162   -13.803 1.00 11.76 ? 1   G   A O6    1 
ATOM   16  N  N1    . G   A 1 1  ? 4.615   4.905   -14.511 1.00 8.44  ? 1   G   A N1    1 
ATOM   17  C  C2    . G   A 1 1  ? 4.293   6.247   -14.485 1.00 9.28  ? 1   G   A C2    1 
ATOM   18  N  N2    . G   A 1 1  ? 3.272   6.558   -15.280 1.00 10.22 ? 1   G   A N2    1 
ATOM   19  N  N3    . G   A 1 1  ? 4.914   7.177   -13.731 1.00 10.40 ? 1   G   A N3    1 
ATOM   20  C  C4    . G   A 1 1  ? 5.911   6.662   -12.998 1.00 10.99 ? 1   G   A C4    1 
ATOM   21  P  P     . G   A 1 2  ? 4.109   9.351   -7.972  1.00 13.98 ? 2   G   A P     1 
ATOM   22  O  OP1   . G   A 1 2  ? 3.851   10.384  -6.919  1.00 16.08 ? 2   G   A OP1   1 
ATOM   23  O  OP2   . G   A 1 2  ? 4.423   7.954   -7.624  1.00 12.21 ? 2   G   A OP2   1 
ATOM   24  O  "O5'" . G   A 1 2  ? 2.925   9.299   -9.035  1.00 13.01 ? 2   G   A "O5'" 1 
ATOM   25  C  "C5'" . G   A 1 2  ? 2.357   10.465  -9.586  1.00 12.73 ? 2   G   A "C5'" 1 
ATOM   26  C  "C4'" . G   A 1 2  ? 1.290   10.088  -10.575 1.00 14.15 ? 2   G   A "C4'" 1 
ATOM   27  O  "O4'" . G   A 1 2  ? 1.889   9.435   -11.727 1.00 13.68 ? 2   G   A "O4'" 1 
ATOM   28  C  "C3'" . G   A 1 2  ? 0.292   9.068   -10.068 1.00 15.87 ? 2   G   A "C3'" 1 
ATOM   29  O  "O3'" . G   A 1 2  ? -0.701  9.649   -9.237  1.00 15.16 ? 2   G   A "O3'" 1 
ATOM   30  C  "C2'" . G   A 1 2  ? -0.235  8.478   -11.363 1.00 13.54 ? 2   G   A "C2'" 1 
ATOM   31  O  "O2'" . G   A 1 2  ? -1.066  9.414   -12.031 1.00 15.38 ? 2   G   A "O2'" 1 
ATOM   32  C  "C1'" . G   A 1 2  ? 1.051   8.375   -12.162 1.00 15.59 ? 2   G   A "C1'" 1 
ATOM   33  N  N9    . G   A 1 2  ? 1.761   7.096   -11.930 1.00 11.53 ? 2   G   A N9    1 
ATOM   34  C  C8    . G   A 1 2  ? 2.837   6.849   -11.096 1.00 10.69 ? 2   G   A C8    1 
ATOM   35  N  N7    . G   A 1 2  ? 3.256   5.608   -11.118 1.00 11.12 ? 2   G   A N7    1 
ATOM   36  C  C5    . G   A 1 2  ? 2.372   5.008   -12.004 1.00 9.10  ? 2   G   A C5    1 
ATOM   37  C  C6    . G   A 1 2  ? 2.311   3.663   -12.451 1.00 9.86  ? 2   G   A C6    1 
ATOM   38  O  O6    . G   A 1 2  ? 3.066   2.753   -12.114 1.00 10.20 ? 2   G   A O6    1 
ATOM   39  N  N1    . G   A 1 2  ? 1.240   3.436   -13.346 1.00 9.12  ? 2   G   A N1    1 
ATOM   40  C  C2    . G   A 1 2  ? 0.372   4.391   -13.776 1.00 8.79  ? 2   G   A C2    1 
ATOM   41  N  N2    . G   A 1 2  ? -0.575  3.957   -14.614 1.00 10.96 ? 2   G   A N2    1 
ATOM   42  N  N3    . G   A 1 2  ? 0.422   5.676   -13.373 1.00 9.99  ? 2   G   A N3    1 
ATOM   43  C  C4    . G   A 1 2  ? 1.430   5.890   -12.499 1.00 11.56 ? 2   G   A C4    1 
ATOM   44  P  P     . A   A 1 3  ? -1.306  8.846   -8.001  1.00 16.41 ? 3   A   A P     1 
ATOM   45  O  OP1   . A   A 1 3  ? -2.282  9.763   -7.337  1.00 18.91 ? 3   A   A OP1   1 
ATOM   46  O  OP2   . A   A 1 3  ? -0.290  8.163   -7.183  1.00 16.58 ? 3   A   A OP2   1 
ATOM   47  O  "O5'" . A   A 1 3  ? -2.163  7.671   -8.657  1.00 17.09 ? 3   A   A "O5'" 1 
ATOM   48  C  "C5'" . A   A 1 3  ? -3.275  7.978   -9.491  1.00 14.68 ? 3   A   A "C5'" 1 
ATOM   49  C  "C4'" . A   A 1 3  ? -3.612  6.815   -10.391 1.00 13.03 ? 3   A   A "C4'" 1 
ATOM   50  O  "O4'" . A   A 1 3  ? -2.443  6.382   -11.142 1.00 13.09 ? 3   A   A "O4'" 1 
ATOM   51  C  "C3'" . A   A 1 3  ? -4.066  5.556   -9.699  1.00 13.29 ? 3   A   A "C3'" 1 
ATOM   52  O  "O3'" . A   A 1 3  ? -5.407  5.641   -9.291  1.00 15.06 ? 3   A   A "O3'" 1 
ATOM   53  C  "C2'" . A   A 1 3  ? -3.830  4.523   -10.781 1.00 10.39 ? 3   A   A "C2'" 1 
ATOM   54  O  "O2'" . A   A 1 3  ? -4.770  4.702   -11.834 1.00 12.86 ? 3   A   A "O2'" 1 
ATOM   55  C  "C1'" . A   A 1 3  ? -2.492  4.983   -11.312 1.00 13.50 ? 3   A   A "C1'" 1 
ATOM   56  N  N9    . A   A 1 3  ? -1.345  4.367   -10.606 1.00 10.69 ? 3   A   A N9    1 
ATOM   57  C  C8    . A   A 1 3  ? -0.476  4.917   -9.692  1.00 13.01 ? 3   A   A C8    1 
ATOM   58  N  N7    . A   A 1 3  ? 0.476   4.104   -9.307  1.00 11.93 ? 3   A   A N7    1 
ATOM   59  C  C5    . A   A 1 3  ? 0.201   2.955   -10.035 1.00 9.79  ? 3   A   A C5    1 
ATOM   60  C  C6    . A   A 1 3  ? 0.817   1.701   -10.070 1.00 8.44  ? 3   A   A C6    1 
ATOM   61  N  N6    . A   A 1 3  ? 1.924   1.391   -9.395  1.00 8.28  ? 3   A   A N6    1 
ATOM   62  N  N1    . A   A 1 3  ? 0.261   0.781   -10.902 1.00 10.25 ? 3   A   A N1    1 
ATOM   63  C  C2    . A   A 1 3  ? -0.823  1.066   -11.608 1.00 9.32  ? 3   A   A C2    1 
ATOM   64  N  N3    . A   A 1 3  ? -1.497  2.213   -11.649 1.00 9.34  ? 3   A   A N3    1 
ATOM   65  C  C4    . A   A 1 3  ? -0.915  3.096   -10.830 1.00 9.92  ? 3   A   A C4    1 
HETATM 66  P  P     . IKS A 1 4  ? -5.809  5.134   -7.880  1.00 13.57 ? 4   IKS A P     1 
HETATM 67  O  OP1   . IKS A 1 4  ? -7.075  5.828   -7.586  1.00 14.91 ? 4   IKS A OP1   1 
HETATM 68  O  OP2   . IKS A 1 4  ? -4.762  5.061   -6.844  1.00 14.38 ? 4   IKS A OP2   1 
HETATM 69  O  "O5'" . IKS A 1 4  ? -6.243  3.461   -8.064  1.00 15.69 ? 4   IKS A "O5'" 1 
HETATM 70  C  "C5'" . IKS A 1 4  ? -7.428  2.991   -8.603  1.00 14.62 ? 4   IKS A "C5'" 1 
HETATM 71  C  "C4'" . IKS A 1 4  ? -7.176  1.596   -9.130  1.00 13.08 ? 4   IKS A "C4'" 1 
HETATM 72  C  "C3'" . IKS A 1 4  ? -6.700  0.699   -7.995  1.00 12.01 ? 4   IKS A "C3'" 1 
HETATM 73  O  "O3'" . IKS A 1 4  ? -7.727  0.227   -7.093  1.00 13.17 ? 4   IKS A "O3'" 1 
HETATM 74  C  "C2'" . IKS A 1 4  ? -5.985  -0.456  -8.811  1.00 11.92 ? 4   IKS A "C2'" 1 
HETATM 75  O  "O2'" . IKS A 1 4  ? -7.045  -1.233  -9.443  1.00 11.20 ? 4   IKS A "O2'" 1 
HETATM 76  C  "C1'" . IKS A 1 4  ? -4.951  0.008   -9.866  1.00 10.20 ? 4   IKS A "C1'" 1 
HETATM 77  N  N1    . IKS A 1 4  ? -3.773  0.407   -9.121  1.00 10.48 ? 4   IKS A N1    1 
HETATM 78  C  C2    . IKS A 1 4  ? -2.735  -0.606  -9.024  1.00 10.06 ? 4   IKS A C2    1 
HETATM 79  O  O2    . IKS A 1 4  ? -2.960  -1.687  -9.618  1.00 12.03 ? 4   IKS A O2    1 
HETATM 80  N  N3    . IKS A 1 4  ? -1.516  -0.424  -8.304  1.00 9.10  ? 4   IKS A N3    1 
HETATM 81  C  C4    . IKS A 1 4  ? -1.269  0.743   -7.659  1.00 10.35 ? 4   IKS A C4    1 
HETATM 82  N  N4    . IKS A 1 4  ? -0.090  0.971   -6.955  1.00 10.37 ? 4   IKS A N4    1 
HETATM 83  C  C5    . IKS A 1 4  ? -2.310  1.793   -7.757  1.00 9.53  ? 4   IKS A C5    1 
HETATM 84  C  C6    . IKS A 1 4  ? -3.500  1.590   -8.440  1.00 10.17 ? 4   IKS A C6    1 
HETATM 85  SE SE4   . IKS A 1 4  ? -5.825  1.594   -10.539 1.00 13.52 ? 4   IKS A SE4   1 
HETATM 86  C  "C1'" . ILK A 1 5  ? -4.149  -5.070  -6.676  1.00 14.99 ? 5   ILK A "C1'" 1 
HETATM 87  C  C2    . ILK A 1 5  ? -1.937  -4.503  -5.675  1.00 11.38 ? 5   ILK A C2    1 
HETATM 88  C  "C2'" . ILK A 1 5  ? -5.092  -5.672  -5.622  1.00 17.32 ? 5   ILK A "C2'" 1 
HETATM 89  C  "C3'" . ILK A 1 5  ? -6.252  -4.689  -5.266  1.00 17.12 ? 5   ILK A "C3'" 1 
HETATM 90  C  C4    . ILK A 1 5  ? -1.283  -2.278  -5.080  1.00 11.69 ? 5   ILK A C4    1 
HETATM 91  C  "C4'" . ILK A 1 5  ? -6.906  -4.292  -6.589  1.00 13.29 ? 5   ILK A "C4'" 1 
HETATM 92  C  C5    . ILK A 1 5  ? -2.594  -1.764  -5.478  1.00 14.05 ? 5   ILK A C5    1 
HETATM 93  C  "C5'" . ILK A 1 5  ? -7.750  -3.030  -6.457  1.00 16.77 ? 5   ILK A "C5'" 1 
HETATM 94  C  C6    . ILK A 1 5  ? -3.508  -2.698  -5.958  1.00 13.37 ? 5   ILK A C6    1 
HETATM 95  N  N1    . ILK A 1 5  ? -3.246  -4.056  -6.118  1.00 15.69 ? 5   ILK A N1    1 
HETATM 96  N  N3    . ILK A 1 5  ? -0.981  -3.563  -5.186  1.00 13.12 ? 5   ILK A N3    1 
HETATM 97  O  O2    . ILK A 1 5  ? -1.729  -5.722  -5.803  1.00 14.55 ? 5   ILK A O2    1 
HETATM 98  O  "O2'" . ILK A 1 5  ? -5.617  -6.881  -6.138  1.00 18.84 ? 5   ILK A "O2'" 1 
HETATM 99  O  "O3'" . ILK A 1 5  ? -7.132  -5.417  -4.413  1.00 17.32 ? 5   ILK A "O3'" 1 
HETATM 100 O  O4    . ILK A 1 5  ? -0.343  -1.373  -4.592  1.00 14.86 ? 5   ILK A O4    1 
HETATM 101 O  "O5'" . ILK A 1 5  ? -6.935  -2.040  -5.949  1.00 13.29 ? 5   ILK A "O5'" 1 
HETATM 102 O  OP1   . ILK A 1 5  ? -8.671  -0.410  -5.015  1.00 17.81 ? 5   ILK A OP1   1 
HETATM 103 O  OP2   . ILK A 1 5  ? -6.215  0.305   -5.050  1.00 17.00 ? 5   ILK A OP2   1 
HETATM 104 P  P     . ILK A 1 5  ? -7.361  -0.378  -5.705  1.00 16.59 ? 5   ILK A P     1 
HETATM 105 SE SE4   . ILK A 1 5  ? -5.432  -4.154  -7.809  0.85 14.10 ? 5   ILK A SE4   1 
HETATM 106 P  P     . IKS A 1 6  ? -6.917  -5.229  -2.875  1.00 18.77 ? 6   IKS A P     1 
HETATM 107 O  OP1   . IKS A 1 6  ? -8.296  -5.594  -2.445  1.00 21.86 ? 6   IKS A OP1   1 
HETATM 108 O  OP2   . IKS A 1 6  ? -6.325  -3.967  -2.364  1.00 20.96 ? 6   IKS A OP2   1 
HETATM 109 O  "O5'" . IKS A 1 6  ? -5.909  -6.576  -2.486  1.00 15.20 ? 6   IKS A "O5'" 1 
HETATM 110 C  "C5'" . IKS A 1 6  ? -6.268  -7.894  -2.605  1.00 15.62 ? 6   IKS A "C5'" 1 
HETATM 111 C  "C4'" . IKS A 1 6  ? -5.038  -8.731  -2.409  1.00 12.43 ? 6   IKS A "C4'" 1 
HETATM 112 C  "C3'" . IKS A 1 6  ? -4.370  -8.330  -1.112  1.00 13.50 ? 6   IKS A "C3'" 1 
HETATM 113 O  "O3'" . IKS A 1 6  ? -5.010  -8.835  0.048   1.00 12.09 ? 6   IKS A "O3'" 1 
HETATM 114 C  "C2'" . IKS A 1 6  ? -2.903  -8.807  -1.304  1.00 13.62 ? 6   IKS A "C2'" 1 
HETATM 115 O  "O2'" . IKS A 1 6  ? -2.944  -10.269 -1.351  1.00 14.75 ? 6   IKS A "O2'" 1 
HETATM 116 C  "C1'" . IKS A 1 6  ? -2.203  -8.328  -2.532  1.00 11.23 ? 6   IKS A "C1'" 1 
HETATM 117 N  N1    . IKS A 1 6  ? -1.866  -6.951  -2.361  1.00 11.01 ? 6   IKS A N1    1 
HETATM 118 C  C2    . IKS A 1 6  ? -0.535  -6.724  -1.847  1.00 10.79 ? 6   IKS A C2    1 
HETATM 119 O  O2    . IKS A 1 6  ? 0.224   -7.717  -1.638  1.00 11.64 ? 6   IKS A O2    1 
HETATM 120 N  N3    . IKS A 1 6  ? -0.039  -5.424  -1.635  1.00 10.68 ? 6   IKS A N3    1 
HETATM 121 C  C4    . IKS A 1 6  ? -0.775  -4.319  -1.834  1.00 11.25 ? 6   IKS A C4    1 
HETATM 122 N  N4    . IKS A 1 6  ? -0.250  -3.052  -1.608  1.00 11.13 ? 6   IKS A N4    1 
HETATM 123 C  C5    . IKS A 1 6  ? -2.169  -4.515  -2.306  1.00 11.71 ? 6   IKS A C5    1 
HETATM 124 C  C6    . IKS A 1 6  ? -2.642  -5.799  -2.544  1.00 9.49  ? 6   IKS A C6    1 
HETATM 125 SE SE4   . IKS A 1 6  ? -3.704  -8.422  -3.776  0.89 15.80 ? 6   IKS A SE4   1 
ATOM   126 P  P     . G   A 1 7  ? -4.935  -8.164  1.452   1.00 14.14 ? 7   G   A P     1 
ATOM   127 O  OP1   . G   A 1 7  ? -5.858  -8.930  2.328   1.00 15.60 ? 7   G   A OP1   1 
ATOM   128 O  OP2   . G   A 1 7  ? -5.026  -6.683  1.368   1.00 17.42 ? 7   G   A OP2   1 
ATOM   129 O  "O5'" . G   A 1 7  ? -3.463  -8.486  1.950   1.00 13.81 ? 7   G   A "O5'" 1 
ATOM   130 C  "C5'" . G   A 1 7  ? -3.037  -9.832  2.060   1.00 11.41 ? 7   G   A "C5'" 1 
ATOM   131 C  "C4'" . G   A 1 7  ? -1.579  -9.880  2.398   1.00 11.23 ? 7   G   A "C4'" 1 
ATOM   132 O  "O4'" . G   A 1 7  ? -0.793  -9.172  1.390   1.00 11.16 ? 7   G   A "O4'" 1 
ATOM   133 C  "C3'" . G   A 1 7  ? -1.192  -9.183  3.687   1.00 10.35 ? 7   G   A "C3'" 1 
ATOM   134 O  "O3'" . G   A 1 7  ? -1.478  -9.964  4.826   1.00 12.52 ? 7   G   A "O3'" 1 
ATOM   135 C  "C2'" . G   A 1 7  ? 0.292   -8.954  3.487   1.00 11.08 ? 7   G   A "C2'" 1 
ATOM   136 O  "O2'" . G   A 1 7  ? 0.977   -10.179 3.601   1.00 13.32 ? 7   G   A "O2'" 1 
ATOM   137 C  "C1'" . G   A 1 7  ? 0.319   -8.558  2.017   1.00 11.57 ? 7   G   A "C1'" 1 
ATOM   138 N  N9    . G   A 1 7  ? 0.195   -7.108  1.887   1.00 10.48 ? 7   G   A N9    1 
ATOM   139 C  C8    . G   A 1 7  ? -0.898  -6.401  1.462   1.00 10.89 ? 7   G   A C8    1 
ATOM   140 N  N7    . G   A 1 7  ? -0.677  -5.123  1.461   1.00 12.01 ? 7   G   A N7    1 
ATOM   141 C  C5    . G   A 1 7  ? 0.619   -4.986  1.932   1.00 9.98  ? 7   G   A C5    1 
ATOM   142 C  C6    . G   A 1 7  ? 1.393   -3.825  2.150   1.00 8.28  ? 7   G   A C6    1 
ATOM   143 O  O6    . G   A 1 7  ? 1.062   -2.644  1.974   1.00 10.69 ? 7   G   A O6    1 
ATOM   144 N  N1    . G   A 1 7  ? 2.651   -4.099  2.666   1.00 7.89  ? 7   G   A N1    1 
ATOM   145 C  C2    . G   A 1 7  ? 3.097   -5.364  2.920   1.00 9.56  ? 7   G   A C2    1 
ATOM   146 N  N2    . G   A 1 7  ? 4.318   -5.413  3.406   1.00 10.93 ? 7   G   A N2    1 
ATOM   147 N  N3    . G   A 1 7  ? 2.394   -6.489  2.719   1.00 8.63  ? 7   G   A N3    1 
ATOM   148 C  C4    . G   A 1 7  ? 1.170   -6.208  2.229   1.00 10.25 ? 7   G   A C4    1 
ATOM   149 P  P     . A   A 1 8  ? -1.858  -9.238  6.207   1.00 13.44 ? 8   A   A P     1 
ATOM   150 O  OP1   . A   A 1 8  ? -2.233  -10.404 7.074   1.00 15.38 ? 8   A   A OP1   1 
ATOM   151 O  OP2   . A   A 1 8  ? -2.737  -8.052  5.995   1.00 13.77 ? 8   A   A OP2   1 
ATOM   152 O  "O5'" . A   A 1 8  ? -0.498  -8.589  6.721   1.00 12.56 ? 8   A   A "O5'" 1 
ATOM   153 C  "C5'" . A   A 1 8  ? 0.656   -9.385  6.967   1.00 10.19 ? 8   A   A "C5'" 1 
ATOM   154 C  "C4'" . A   A 1 8  ? 1.832   -8.522  7.320   1.00 10.33 ? 8   A   A "C4'" 1 
ATOM   155 O  "O4'" . A   A 1 8  ? 2.173   -7.697  6.185   1.00 9.12  ? 8   A   A "O4'" 1 
ATOM   156 C  "C3'" . A   A 1 8  ? 1.592   -7.507  8.415   1.00 9.03  ? 8   A   A "C3'" 1 
ATOM   157 O  "O3'" . A   A 1 8  ? 1.667   -8.049  9.701   1.00 10.39 ? 8   A   A "O3'" 1 
ATOM   158 C  "C2'" . A   A 1 8  ? 2.673   -6.487  8.143   1.00 9.10  ? 8   A   A "C2'" 1 
ATOM   159 O  "O2'" . A   A 1 8  ? 3.943   -7.005  8.515   1.00 8.99  ? 8   A   A "O2'" 1 
ATOM   160 C  "C1'" . A   A 1 8  ? 2.645   -6.450  6.628   1.00 10.43 ? 8   A   A "C1'" 1 
ATOM   161 N  N9    . A   A 1 8  ? 1.765   -5.401  6.114   1.00 9.75  ? 8   A   A N9    1 
ATOM   162 C  C8    . A   A 1 8  ? 0.496   -5.522  5.619   1.00 11.54 ? 8   A   A C8    1 
ATOM   163 N  N7    . A   A 1 8  ? 0.005   -4.368  5.225   1.00 10.66 ? 8   A   A N7    1 
ATOM   164 C  C5    . A   A 1 8  ? 1.009   -3.468  5.480   1.00 9.50  ? 8   A   A C5    1 
ATOM   165 C  C6    . A   A 1 8  ? 1.105   -2.089  5.272   1.00 8.05  ? 8   A   A C6    1 
ATOM   166 N  N6    . A   A 1 8  ? 0.101   -1.380  4.719   1.00 10.48 ? 8   A   A N6    1 
ATOM   167 N  N1    . A   A 1 8  ? 2.258   -1.481  5.637   1.00 8.90  ? 8   A   A N1    1 
ATOM   168 C  C2    . A   A 1 8  ? 3.251   -2.184  6.183   1.00 8.20  ? 8   A   A C2    1 
ATOM   169 N  N3    . A   A 1 8  ? 3.262   -3.498  6.416   1.00 8.65  ? 8   A   A N3    1 
ATOM   170 C  C4    . A   A 1 8  ? 2.113   -4.082  6.031   1.00 9.08  ? 8   A   A C4    1 
ATOM   171 P  P     . G   A 1 9  ? 0.777   -7.410  10.857  1.00 9.65  ? 9   G   A P     1 
ATOM   172 O  OP1   . G   A 1 9  ? 0.898   -8.387  12.015  1.00 10.07 ? 9   G   A OP1   1 
ATOM   173 O  OP2   . G   A 1 9  ? -0.554  -7.032  10.332  1.00 10.66 ? 9   G   A OP2   1 
ATOM   174 O  "O5'" . G   A 1 9  ? 1.560   -6.076  11.253  1.00 9.81  ? 9   G   A "O5'" 1 
ATOM   175 C  "C5'" . G   A 1 9  ? 2.916   -6.133  11.672  1.00 10.25 ? 9   G   A "C5'" 1 
ATOM   176 C  "C4'" . G   A 1 9  ? 3.562   -4.764  11.592  1.00 9.95  ? 9   G   A "C4'" 1 
ATOM   177 O  "O4'" . G   A 1 9  ? 3.448   -4.243  10.250  1.00 7.85  ? 9   G   A "O4'" 1 
ATOM   178 C  "C3'" . G   A 1 9  ? 2.905   -3.700  12.454  1.00 8.32  ? 9   G   A "C3'" 1 
ATOM   179 O  "O3'" . G   A 1 9  ? 3.363   -3.802  13.785  1.00 9.44  ? 9   G   A "O3'" 1 
ATOM   180 C  "C2'" . G   A 1 9  ? 3.329   -2.414  11.755  1.00 6.74  ? 9   G   A "C2'" 1 
ATOM   181 O  "O2'" . G   A 1 9  ? 4.677   -2.118  12.050  1.00 7.99  ? 9   G   A "O2'" 1 
ATOM   182 C  "C1'" . G   A 1 9  ? 3.250   -2.847  10.289  1.00 8.37  ? 9   G   A "C1'" 1 
ATOM   183 N  N9    . G   A 1 9  ? 1.964   -2.544  9.636   1.00 8.59  ? 9   G   A N9    1 
ATOM   184 C  C8    . G   A 1 9  ? 0.921   -3.398  9.331   1.00 9.50  ? 9   G   A C8    1 
ATOM   185 N  N7    . G   A 1 9  ? -0.067  -2.793  8.670   1.00 9.27  ? 9   G   A N7    1 
ATOM   186 C  C5    . G   A 1 9  ? 0.386   -1.486  8.535   1.00 7.83  ? 9   G   A C5    1 
ATOM   187 C  C6    . G   A 1 9  ? -0.241  -0.382  7.903   1.00 8.02  ? 9   G   A C6    1 
ATOM   188 O  O6    . G   A 1 9  ? -1.337  -0.343  7.324   1.00 9.03  ? 9   G   A O6    1 
ATOM   189 N  N1    . G   A 1 9  ? 0.561   0.748   7.995   1.00 8.51  ? 9   G   A N1    1 
ATOM   190 C  C2    . G   A 1 9  ? 1.783   0.843   8.613   1.00 7.82  ? 9   G   A C2    1 
ATOM   191 N  N2    . G   A 1 9  ? 2.376   2.047   8.614   1.00 8.27  ? 9   G   A N2    1 
ATOM   192 N  N3    . G   A 1 9  ? 2.390   -0.184  9.208   1.00 7.26  ? 9   G   A N3    1 
ATOM   193 C  C4    . G   A 1 9  ? 1.636   -1.313  9.102   1.00 6.56  ? 9   G   A C4    1 
ATOM   194 P  P     . U   A 1 10 ? 2.448   -3.280  14.982  1.00 8.72  ? 10  U   A P     1 
ATOM   195 O  OP1   . U   A 1 10 ? 3.139   -3.734  16.200  1.00 10.24 ? 10  U   A OP1   1 
ATOM   196 O  OP2   . U   A 1 10 ? 1.039   -3.616  14.772  1.00 9.59  ? 10  U   A OP2   1 
ATOM   197 O  "O5'" . U   A 1 10 ? 2.549   -1.694  14.884  1.00 8.09  ? 10  U   A "O5'" 1 
ATOM   198 C  "C5'" . U   A 1 10 ? 3.756   -1.037  15.173  1.00 9.16  ? 10  U   A "C5'" 1 
ATOM   199 C  "C4'" . U   A 1 10 ? 3.611   0.429   14.895  1.00 8.16  ? 10  U   A "C4'" 1 
ATOM   200 O  "O4'" . U   A 1 10 ? 3.508   0.653   13.465  1.00 8.10  ? 10  U   A "O4'" 1 
ATOM   201 C  "C3'" . U   A 1 10 ? 2.373   1.109   15.448  1.00 9.19  ? 10  U   A "C3'" 1 
ATOM   202 O  "O3'" . U   A 1 10 ? 2.500   1.395   16.826  1.00 7.95  ? 10  U   A "O3'" 1 
ATOM   203 C  "C2'" . U   A 1 10 ? 2.311   2.353   14.591  1.00 9.28  ? 10  U   A "C2'" 1 
ATOM   204 O  "O2'" . U   A 1 10 ? 3.356   3.229   14.989  1.00 9.58  ? 10  U   A "O2'" 1 
ATOM   205 C  "C1'" . U   A 1 10 ? 2.676   1.775   13.232  1.00 8.79  ? 10  U   A "C1'" 1 
ATOM   206 N  N1    . U   A 1 10 ? 1.477   1.344   12.491  1.00 8.27  ? 10  U   A N1    1 
ATOM   207 C  C2    . U   A 1 10 ? 0.807   2.336   11.767  1.00 8.27  ? 10  U   A C2    1 
ATOM   208 O  O2    . U   A 1 10 ? 1.187   3.509   11.764  1.00 9.13  ? 10  U   A O2    1 
ATOM   209 N  N3    . U   A 1 10 ? -0.311  1.924   11.085  1.00 7.97  ? 10  U   A N3    1 
ATOM   210 C  C4    . U   A 1 10 ? -0.810  0.648   11.017  1.00 6.62  ? 10  U   A C4    1 
ATOM   211 O  O4    . U   A 1 10 ? -1.814  0.363   10.351  1.00 8.53  ? 10  U   A O4    1 
ATOM   212 C  C5    . U   A 1 10 ? -0.087  -0.305  11.831  1.00 7.13  ? 10  U   A C5    1 
ATOM   213 C  C6    . U   A 1 10 ? 0.984   0.058   12.516  1.00 7.96  ? 10  U   A C6    1 
ATOM   214 P  P     . C   A 1 11 ? 1.229   1.363   17.799  1.00 9.15  ? 11  C   A P     1 
ATOM   215 O  OP1   . C   A 1 11 ? 1.854   1.438   19.147  1.00 9.88  ? 11  C   A OP1   1 
ATOM   216 O  OP2   . C   A 1 11 ? 0.341   0.241   17.446  1.00 10.26 ? 11  C   A OP2   1 
ATOM   217 O  "O5'" . C   A 1 11 ? 0.399   2.673   17.440  1.00 10.81 ? 11  C   A "O5'" 1 
ATOM   218 C  "C5'" . C   A 1 11 ? 0.966   3.959   17.617  1.00 12.25 ? 11  C   A "C5'" 1 
ATOM   219 C  "C4'" . C   A 1 11 ? 0.283   4.946   16.717  1.00 9.91  ? 11  C   A "C4'" 1 
ATOM   220 O  "O4'" . C   A 1 11 ? 0.259   4.425   15.367  1.00 11.01 ? 11  C   A "O4'" 1 
ATOM   221 C  "C3'" . C   A 1 11 ? -1.177  5.197   17.037  1.00 11.93 ? 11  C   A "C3'" 1 
ATOM   222 O  "O3'" . C   A 1 11 ? -1.302  6.165   18.045  1.00 10.47 ? 11  C   A "O3'" 1 
ATOM   223 C  "C2'" . C   A 1 11 ? -1.735  5.658   15.707  1.00 10.96 ? 11  C   A "C2'" 1 
ATOM   224 O  "O2'" . C   A 1 11 ? -1.380  7.012   15.495  1.00 13.41 ? 11  C   A "O2'" 1 
ATOM   225 C  "C1'" . C   A 1 11 ? -0.940  4.804   14.725  1.00 11.73 ? 11  C   A "C1'" 1 
ATOM   226 N  N1    . C   A 1 11 ? -1.668  3.587   14.278  1.00 8.92  ? 11  C   A N1    1 
ATOM   227 C  C2    . C   A 1 11 ? -2.597  3.756   13.262  1.00 9.27  ? 11  C   A C2    1 
ATOM   228 O  O2    . C   A 1 11 ? -2.777  4.900   12.803  1.00 10.76 ? 11  C   A O2    1 
ATOM   229 N  N3    . C   A 1 11 ? -3.273  2.680   12.777  1.00 9.36  ? 11  C   A N3    1 
ATOM   230 C  C4    . C   A 1 11 ? -3.040  1.469   13.295  1.00 8.59  ? 11  C   A C4    1 
ATOM   231 N  N4    . C   A 1 11 ? -3.732  0.468   12.762  1.00 9.41  ? 11  C   A N4    1 
ATOM   232 C  C5    . C   A 1 11 ? -2.096  1.254   14.344  1.00 9.45  ? 11  C   A C5    1 
ATOM   233 C  C6    . C   A 1 11 ? -1.434  2.329   14.814  1.00 9.24  ? 11  C   A C6    1 
ATOM   234 P  P     . C   A 1 12 ? -2.593  6.149   18.998  1.00 14.99 ? 12  C   A P     1 
ATOM   235 O  OP1   . C   A 1 12 ? -2.340  7.285   19.947  1.00 22.92 ? 12  C   A OP1   1 
ATOM   236 O  OP2   . C   A 1 12 ? -2.973  4.830   19.483  1.00 14.98 ? 12  C   A OP2   1 
ATOM   237 O  "O5'" . C   A 1 12 ? -3.780  6.583   18.053  1.00 12.12 ? 12  C   A "O5'" 1 
ATOM   238 C  "C5'" . C   A 1 12 ? -3.816  7.887   17.486  1.00 14.21 ? 12  C   A "C5'" 1 
ATOM   239 C  "C4'" . C   A 1 12 ? -4.969  8.021   16.532  1.00 12.48 ? 12  C   A "C4'" 1 
ATOM   240 O  "O4'" . C   A 1 12 ? -4.780  7.158   15.386  1.00 13.22 ? 12  C   A "O4'" 1 
ATOM   241 C  "C3'" . C   A 1 12 ? -6.318  7.587   17.072  1.00 12.34 ? 12  C   A "C3'" 1 
ATOM   242 O  "O3'" . C   A 1 12 ? -6.902  8.529   17.949  1.00 15.89 ? 12  C   A "O3'" 1 
ATOM   243 C  "C2'" . C   A 1 12 ? -7.105  7.329   15.798  1.00 13.29 ? 12  C   A "C2'" 1 
ATOM   244 O  "O2'" . C   A 1 12 ? -7.485  8.558   15.177  1.00 16.11 ? 12  C   A "O2'" 1 
ATOM   245 C  "C1'" . C   A 1 12 ? -6.032  6.700   14.921  1.00 12.61 ? 12  C   A "C1'" 1 
ATOM   246 N  N1    . C   A 1 12 ? -6.050  5.219   14.928  1.00 11.30 ? 12  C   A N1    1 
ATOM   247 C  C2    . C   A 1 12 ? -6.910  4.576   14.036  1.00 11.82 ? 12  C   A C2    1 
ATOM   248 O  O2    . C   A 1 12 ? -7.650  5.282   13.296  1.00 11.90 ? 12  C   A O2    1 
ATOM   249 N  N3    . C   A 1 12 ? -6.910  3.218   13.999  1.00 9.96  ? 12  C   A N3    1 
ATOM   250 C  C4    . C   A 1 12 ? -6.111  2.526   14.820  1.00 9.27  ? 12  C   A C4    1 
ATOM   251 N  N4    . C   A 1 12 ? -6.142  1.177   14.728  1.00 11.20 ? 12  C   A N4    1 
ATOM   252 C  C5    . C   A 1 12 ? -5.240  3.154   15.756  1.00 9.72  ? 12  C   A C5    1 
ATOM   253 C  C6    . C   A 1 12 ? -5.245  4.496   15.790  1.00 10.66 ? 12  C   A C6    1 
ATOM   254 O  "O5'" . G   B 1 1  ? -10.909 -2.347  6.469   1.00 26.32 ? 1   G   B "O5'" 1 
ATOM   255 C  "C5'" . G   B 1 1  ? -12.209 -1.916  6.074   1.00 18.30 ? 1   G   B "C5'" 1 
ATOM   256 C  "C4'" . G   B 1 1  ? -12.552 -0.589  6.710   1.00 13.95 ? 1   G   B "C4'" 1 
ATOM   257 O  "O4'" . G   B 1 1  ? -12.615 -0.722  8.140   1.00 12.76 ? 1   G   B "O4'" 1 
ATOM   258 C  "C3'" . G   B 1 1  ? -11.560 0.540   6.491   1.00 14.79 ? 1   G   B "C3'" 1 
ATOM   259 O  "O3'" . G   B 1 1  ? -11.788 1.167   5.251   1.00 12.43 ? 1   G   B "O3'" 1 
ATOM   260 C  "C2'" . G   B 1 1  ? -11.855 1.455   7.655   1.00 13.13 ? 1   G   B "C2'" 1 
ATOM   261 O  "O2'" . G   B 1 1  ? -13.074 2.142   7.393   1.00 15.41 ? 1   G   B "O2'" 1 
ATOM   262 C  "C1'" . G   B 1 1  ? -12.127 0.436   8.752   1.00 13.15 ? 1   G   B "C1'" 1 
ATOM   263 N  N9    . G   B 1 1  ? -10.946 0.054   9.549   1.00 11.99 ? 1   G   B N9    1 
ATOM   264 C  C8    . G   B 1 1  ? -10.468 -1.230  9.722   1.00 11.85 ? 1   G   B C8    1 
ATOM   265 N  N7    . G   B 1 1  ? -9.469  -1.265  10.542  1.00 13.38 ? 1   G   B N7    1 
ATOM   266 C  C5    . G   B 1 1  ? -9.293  0.031   10.968  1.00 9.48  ? 1   G   B C5    1 
ATOM   267 C  C6    . G   B 1 1  ? -8.362  0.587   11.873  1.00 9.76  ? 1   G   B C6    1 
ATOM   268 O  O6    . G   B 1 1  ? -7.478  -0.012  12.512  1.00 11.47 ? 1   G   B O6    1 
ATOM   269 N  N1    . G   B 1 1  ? -8.541  1.954   12.023  1.00 10.09 ? 1   G   B N1    1 
ATOM   270 C  C2    . G   B 1 1  ? -9.501  2.695   11.371  1.00 9.81  ? 1   G   B C2    1 
ATOM   271 N  N2    . G   B 1 1  ? -9.540  4.013   11.625  1.00 10.75 ? 1   G   B N2    1 
ATOM   272 N  N3    . G   B 1 1  ? -10.360 2.193   10.507  1.00 9.04  ? 1   G   B N3    1 
ATOM   273 C  C4    . G   B 1 1  ? -10.214 0.860   10.373  1.00 10.69 ? 1   G   B C4    1 
ATOM   274 P  P     . G   B 1 2  ? -10.555 1.630   4.350   1.00 17.98 ? 2   G   B P     1 
ATOM   275 O  OP1   . G   B 1 2  ? -11.106 1.933   2.994   1.00 21.10 ? 2   G   B OP1   1 
ATOM   276 O  OP2   . G   B 1 2  ? -9.421  0.682   4.482   1.00 17.75 ? 2   G   B OP2   1 
ATOM   277 O  "O5'" . G   B 1 2  ? -10.063 2.960   5.051   1.00 13.98 ? 2   G   B "O5'" 1 
ATOM   278 C  "C5'" . G   B 1 2  ? -10.891 4.105   5.153   1.00 13.39 ? 2   G   B "C5'" 1 
ATOM   279 C  "C4'" . G   B 1 2  ? -10.263 5.119   6.062   1.00 14.14 ? 2   G   B "C4'" 1 
ATOM   280 O  "O4'" . G   B 1 2  ? -10.157 4.564   7.397   1.00 13.66 ? 2   G   B "O4'" 1 
ATOM   281 C  "C3'" . G   B 1 2  ? -8.836  5.509   5.714   1.00 13.27 ? 2   G   B "C3'" 1 
ATOM   282 O  "O3'" . G   B 1 2  ? -8.784  6.488   4.694   1.00 15.20 ? 2   G   B "O3'" 1 
ATOM   283 C  "C2'" . G   B 1 2  ? -8.287  5.974   7.054   1.00 13.83 ? 2   G   B "C2'" 1 
ATOM   284 O  "O2'" . G   B 1 2  ? -8.778  7.273   7.385   1.00 17.20 ? 2   G   B "O2'" 1 
ATOM   285 C  "C1'" . G   B 1 2  ? -8.954  4.984   7.997   1.00 12.98 ? 2   G   B "C1'" 1 
ATOM   286 N  N9    . G   B 1 2  ? -8.165  3.769   8.266   1.00 8.90  ? 2   G   B N9    1 
ATOM   287 C  C8    . G   B 1 2  ? -8.370  2.534   7.754   1.00 10.79 ? 2   G   B C8    1 
ATOM   288 N  N7    . G   B 1 2  ? -7.523  1.666   8.290   1.00 12.92 ? 2   G   B N7    1 
ATOM   289 C  C5    . G   B 1 2  ? -6.775  2.423   9.192   1.00 10.31 ? 2   G   B C5    1 
ATOM   290 C  C6    . G   B 1 2  ? -5.713  2.067   10.086  1.00 10.22 ? 2   G   B C6    1 
ATOM   291 O  O6    . G   B 1 2  ? -5.204  0.935   10.233  1.00 11.22 ? 2   G   B O6    1 
ATOM   292 N  N1    . G   B 1 2  ? -5.208  3.148   10.824  1.00 8.91  ? 2   G   B N1    1 
ATOM   293 C  C2    . G   B 1 2  ? -5.682  4.439   10.709  1.00 11.25 ? 2   G   B C2    1 
ATOM   294 N  N2    . G   B 1 2  ? -5.070  5.339   11.474  1.00 9.92  ? 2   G   B N2    1 
ATOM   295 N  N3    . G   B 1 2  ? -6.684  4.783   9.898   1.00 9.56  ? 2   G   B N3    1 
ATOM   296 C  C4    . G   B 1 2  ? -7.166  3.734   9.186   1.00 10.73 ? 2   G   B C4    1 
ATOM   297 P  P     . A   B 1 3  ? -7.459  6.661   3.819   1.00 15.77 ? 3   A   B P     1 
ATOM   298 O  OP1   . A   B 1 3  ? -7.776  7.548   2.640   1.00 19.94 ? 3   A   B OP1   1 
ATOM   299 O  OP2   . A   B 1 3  ? -6.821  5.383   3.491   1.00 18.31 ? 3   A   B OP2   1 
ATOM   300 O  "O5'" . A   B 1 3  ? -6.428  7.349   4.835   1.00 13.91 ? 3   A   B "O5'" 1 
ATOM   301 C  "C5'" . A   B 1 3  ? -6.530  8.706   5.234   1.00 11.79 ? 3   A   B "C5'" 1 
ATOM   302 C  "C4'" . A   B 1 3  ? -5.369  9.096   6.124   1.00 11.07 ? 3   A   B "C4'" 1 
ATOM   303 O  "O4'" . A   B 1 3  ? -5.446  8.380   7.397   1.00 10.06 ? 3   A   B "O4'" 1 
ATOM   304 C  "C3'" . A   B 1 3  ? -3.987  8.736   5.608   1.00 10.75 ? 3   A   B "C3'" 1 
ATOM   305 O  "O3'" . A   B 1 3  ? -3.509  9.670   4.655   1.00 9.05  ? 3   A   B "O3'" 1 
ATOM   306 C  "C2'" . A   B 1 3  ? -3.171  8.730   6.884   1.00 9.47  ? 3   A   B "C2'" 1 
ATOM   307 O  "O2'" . A   B 1 3  ? -2.982  10.072  7.326   1.00 11.10 ? 3   A   B "O2'" 1 
ATOM   308 C  "C1'" . A   B 1 3  ? -4.147  8.047   7.833   1.00 9.10  ? 3   A   B "C1'" 1 
ATOM   309 N  N9    . A   B 1 3  ? -4.018  6.583   7.763   1.00 8.45  ? 3   A   B N9    1 
ATOM   310 C  C8    . A   B 1 3  ? -4.752  5.747   6.989   1.00 9.48  ? 3   A   B C8    1 
ATOM   311 N  N7    . A   B 1 3  ? -4.439  4.487   7.158   1.00 9.89  ? 3   A   B N7    1 
ATOM   312 C  C5    . A   B 1 3  ? -3.451  4.501   8.120   1.00 8.36  ? 3   A   B C5    1 
ATOM   313 C  C6    . A   B 1 3  ? -2.707  3.479   8.769   1.00 7.00  ? 3   A   B C6    1 
ATOM   314 N  N6    . A   B 1 3  ? -2.862  2.178   8.551   1.00 7.53  ? 3   A   B N6    1 
ATOM   315 N  N1    . A   B 1 3  ? -1.778  3.896   9.661   1.00 8.06  ? 3   A   B N1    1 
ATOM   316 C  C2    . A   B 1 3  ? -1.622  5.183   9.926   1.00 7.83  ? 3   A   B C2    1 
ATOM   317 N  N3    . A   B 1 3  ? -2.246  6.214   9.385   1.00 8.13  ? 3   A   B N3    1 
ATOM   318 C  C4    . A   B 1 3  ? -3.178  5.795   8.507   1.00 7.40  ? 3   A   B C4    1 
HETATM 319 P  P     . IKS B 1 4  ? -2.507  9.245   3.537   1.00 11.58 ? 4   IKS B P     1 
HETATM 320 O  OP1   . IKS B 1 4  ? -2.220  10.397  2.673   1.00 13.00 ? 4   IKS B OP1   1 
HETATM 321 O  OP2   . IKS B 1 4  ? -2.970  8.004   2.864   1.00 12.96 ? 4   IKS B OP2   1 
HETATM 322 O  "O5'" . IKS B 1 4  ? -1.085  8.950   4.470   1.00 11.21 ? 4   IKS B "O5'" 1 
HETATM 323 C  "C5'" . IKS B 1 4  ? -0.310  9.909   5.059   1.00 12.81 ? 4   IKS B "C5'" 1 
HETATM 324 C  "C4'" . IKS B 1 4  ? 0.924   9.267   5.708   1.00 11.33 ? 4   IKS B "C4'" 1 
HETATM 325 C  "C3'" . IKS B 1 4  ? 1.848   8.614   4.689   1.00 12.32 ? 4   IKS B "C3'" 1 
HETATM 326 O  "O3'" . IKS B 1 4  ? 3.149   8.517   5.247   1.00 12.13 ? 4   IKS B "O3'" 1 
HETATM 327 C  "C2'" . IKS B 1 4  ? 1.233   7.236   4.539   1.00 11.11 ? 4   IKS B "C2'" 1 
HETATM 328 O  "O2'" . IKS B 1 4  ? 2.122   6.443   3.670   1.00 13.69 ? 4   IKS B "O2'" 1 
HETATM 329 C  "C1'" . IKS B 1 4  ? 1.047   6.460   5.906   1.00 8.92  ? 4   IKS B "C1'" 1 
HETATM 330 N  N1    . IKS B 1 4  ? 0.116   5.410   5.747   1.00 10.14 ? 4   IKS B N1    1 
HETATM 331 C  C2    . IKS B 1 4  ? 0.425   4.299   6.589   1.00 9.80  ? 4   IKS B C2    1 
HETATM 332 O  O2    . IKS B 1 4  ? 1.378   4.454   7.419   1.00 10.66 ? 4   IKS B O2    1 
HETATM 333 N  N3    . IKS B 1 4  ? -0.305  3.126   6.483   1.00 9.78  ? 4   IKS B N3    1 
HETATM 334 C  C4    . IKS B 1 4  ? -1.343  2.980   5.625   1.00 10.09 ? 4   IKS B C4    1 
HETATM 335 N  N4    . IKS B 1 4  ? -2.045  1.786   5.519   1.00 10.15 ? 4   IKS B N4    1 
HETATM 336 C  C5    . IKS B 1 4  ? -1.673  4.122   4.734   1.00 10.92 ? 4   IKS B C5    1 
HETATM 337 C  C6    . IKS B 1 4  ? -0.928  5.272   4.849   1.00 11.80 ? 4   IKS B C6    1 
HETATM 338 SE SE4   . IKS B 1 4  ? 0.483   7.902   7.034   0.90 12.44 ? 4   IKS B SE4   1 
HETATM 339 C  "C1'" . ILK B 1 5  ? 5.385   3.686   6.450   1.00 9.16  ? 5   ILK B "C1'" 1 
HETATM 340 C  C2    . ILK B 1 5  ? 3.919   1.732   5.846   1.00 8.60  ? 5   ILK B C2    1 
HETATM 341 C  "C2'" . ILK B 1 5  ? 6.680   3.596   5.619   1.00 10.55 ? 5   ILK B "C2'" 1 
HETATM 342 C  "C3'" . ILK B 1 5  ? 6.599   4.711   4.555   1.00 11.13 ? 5   ILK B "C3'" 1 
HETATM 343 C  C4    . ILK B 1 5  ? 1.982   1.901   4.444   1.00 8.10  ? 5   ILK B C4    1 
HETATM 344 C  "C4'" . ILK B 1 5  ? 6.349   6.004   5.312   1.00 10.65 ? 5   ILK B "C4'" 1 
HETATM 345 C  C5    . ILK B 1 5  ? 2.257   3.302   4.247   1.00 8.61  ? 5   ILK B C5    1 
HETATM 346 C  "C5'" . ILK B 1 5  ? 5.946   7.074   4.312   1.00 16.22 ? 5   ILK B "C5'" 1 
HETATM 347 C  C6    . ILK B 1 5  ? 3.356   3.843   4.896   1.00 9.80  ? 5   ILK B C6    1 
HETATM 348 N  N1    . ILK B 1 5  ? 4.227   3.144   5.728   1.00 8.73  ? 5   ILK B N1    1 
HETATM 349 N  N3    . ILK B 1 5  ? 2.779   1.165   5.206   1.00 9.59  ? 5   ILK B N3    1 
HETATM 350 O  O2    . ILK B 1 5  ? 4.674   1.018   6.526   1.00 9.69  ? 5   ILK B O2    1 
HETATM 351 O  "O2'" . ILK B 1 5  ? 7.771   3.830   6.489   1.00 11.54 ? 5   ILK B "O2'" 1 
HETATM 352 O  "O3'" . ILK B 1 5  ? 7.824   4.701   3.817   1.00 13.88 ? 5   ILK B "O3'" 1 
HETATM 353 O  O4    . ILK B 1 5  ? 0.883   1.305   3.873   1.00 9.53  ? 5   ILK B O4    1 
HETATM 354 O  "O5'" . ILK B 1 5  ? 5.646   8.226   4.976   1.00 13.68 ? 5   ILK B "O5'" 1 
HETATM 355 O  OP1   . ILK B 1 5  ? 4.457   10.470  5.450   1.00 22.05 ? 5   ILK B OP1   1 
HETATM 356 O  OP2   . ILK B 1 5  ? 4.196   9.405   3.116   1.00 18.41 ? 5   ILK B OP2   1 
HETATM 357 P  P     . ILK B 1 5  ? 4.336   9.277   4.587   1.00 15.86 ? 5   ILK B P     1 
HETATM 358 SE SE4   . ILK B 1 5  ? 5.078   5.592   6.716   0.92 12.05 ? 5   ILK B SE4   1 
HETATM 359 P  P     . IKS B 1 6  ? 8.168   3.839   2.554   1.00 12.90 ? 6   IKS B P     1 
HETATM 360 O  OP1   . IKS B 1 6  ? 9.399   4.392   1.919   1.00 12.83 ? 6   IKS B OP1   1 
HETATM 361 O  OP2   . IKS B 1 6  ? 6.990   3.619   1.701   1.00 14.24 ? 6   IKS B OP2   1 
HETATM 362 O  "O5'" . IKS B 1 6  ? 8.680   2.307   3.131   1.00 13.86 ? 6   IKS B "O5'" 1 
HETATM 363 C  "C5'" . IKS B 1 6  ? 9.841   2.034   3.834   1.00 14.28 ? 6   IKS B "C5'" 1 
HETATM 364 C  "C4'" . IKS B 1 6  ? 9.780   0.571   4.264   1.00 12.27 ? 6   IKS B "C4'" 1 
HETATM 365 C  "C3'" . IKS B 1 6  ? 9.464   -0.338  3.069   1.00 12.70 ? 6   IKS B "C3'" 1 
HETATM 366 O  "O3'" . IKS B 1 6  ? 10.601  -0.657  2.203   1.00 12.61 ? 6   IKS B "O3'" 1 
HETATM 367 C  "C2'" . IKS B 1 6  ? 8.806   -1.561  3.726   1.00 11.67 ? 6   IKS B "C2'" 1 
HETATM 368 O  "O2'" . IKS B 1 6  ? 9.854   -2.292  4.453   1.00 13.28 ? 6   IKS B "O2'" 1 
HETATM 369 C  "C1'" . IKS B 1 6  ? 7.692   -1.317  4.681   1.00 13.59 ? 6   IKS B "C1'" 1 
HETATM 370 N  N1    . IKS B 1 6  ? 6.489   -0.941  3.939   1.00 9.14  ? 6   IKS B N1    1 
HETATM 371 C  C2    . IKS B 1 6  ? 5.590   -2.042  3.675   1.00 10.46 ? 6   IKS B C2    1 
HETATM 372 O  O2    . IKS B 1 6  ? 5.879   -3.203  4.074   1.00 10.85 ? 6   IKS B O2    1 
HETATM 373 N  N3    . IKS B 1 6  ? 4.378   -1.816  3.018   1.00 9.07  ? 6   IKS B N3    1 
HETATM 374 C  C4    . IKS B 1 6  ? 3.993   -0.628  2.544   1.00 10.11 ? 6   IKS B C4    1 
HETATM 375 N  N4    . IKS B 1 6  ? 2.777   -0.474  1.893   1.00 10.75 ? 6   IKS B N4    1 
HETATM 376 C  C5    . IKS B 1 6  ? 4.918   0.513   2.760   1.00 8.80  ? 6   IKS B C5    1 
HETATM 377 C  C6    . IKS B 1 6  ? 6.103   0.297   3.436   1.00 7.97  ? 6   IKS B C6    1 
HETATM 378 SE SE4   . IKS B 1 6  ? 8.394   0.245   5.597   0.85 12.06 ? 6   IKS B SE4   1 
ATOM   379 P  P     . G   B 1 7  ? 10.349  -0.952  0.692   1.00 15.20 ? 7   G   B P     1 
ATOM   380 O  OP1   . G   B 1 7  ? 11.777  -0.993  0.199   1.00 15.23 ? 7   G   B OP1   1 
ATOM   381 O  OP2   . G   B 1 7  ? 9.416   -0.043  0.001   1.00 16.08 ? 7   G   B OP2   1 
ATOM   382 O  "O5'" . G   B 1 7  ? 9.754   -2.424  0.588   1.00 13.56 ? 7   G   B "O5'" 1 
ATOM   383 C  "C5'" . G   B 1 7  ? 10.519  -3.536  0.996   1.00 12.65 ? 7   G   B "C5'" 1 
ATOM   384 C  "C4'" . G   B 1 7  ? 9.706   -4.788  0.892   1.00 13.85 ? 7   G   B "C4'" 1 
ATOM   385 O  "O4'" . G   B 1 7  ? 8.481   -4.665  1.664   1.00 13.98 ? 7   G   B "O4'" 1 
ATOM   386 C  "C3'" . G   B 1 7  ? 9.198   -5.117  -0.490  1.00 15.17 ? 7   G   B "C3'" 1 
ATOM   387 O  "O3'" . G   B 1 7  ? 10.207  -5.616  -1.346  1.00 15.33 ? 7   G   B "O3'" 1 
ATOM   388 C  "C2'" . G   B 1 7  ? 8.079   -6.094  -0.182  1.00 13.04 ? 7   G   B "C2'" 1 
ATOM   389 O  "O2'" . G   B 1 7  ? 8.612   -7.346  0.226   1.00 17.43 ? 7   G   B "O2'" 1 
ATOM   390 C  "C1'" . G   B 1 7  ? 7.452   -5.417  1.034   1.00 11.25 ? 7   G   B "C1'" 1 
ATOM   391 N  N9    . G   B 1 7  ? 6.395   -4.479  0.610   1.00 10.13 ? 7   G   B N9    1 
ATOM   392 C  C8    . G   B 1 7  ? 6.431   -3.116  0.545   1.00 10.42 ? 7   G   B C8    1 
ATOM   393 N  N7    . G   B 1 7  ? 5.322   -2.576  0.092   1.00 11.55 ? 7   G   B N7    1 
ATOM   394 C  C5    . G   B 1 7  ? 4.518   -3.681  -0.153  1.00 10.66 ? 7   G   B C5    1 
ATOM   395 C  C6    . G   B 1 7  ? 3.197   -3.751  -0.653  1.00 10.39 ? 7   G   B C6    1 
ATOM   396 O  O6    . G   B 1 7  ? 2.487   -2.802  -0.992  1.00 10.26 ? 7   G   B O6    1 
ATOM   397 N  N1    . G   B 1 7  ? 2.750   -5.059  -0.773  1.00 9.48  ? 7   G   B N1    1 
ATOM   398 C  C2    . G   B 1 7  ? 3.476   -6.166  -0.454  1.00 11.42 ? 7   G   B C2    1 
ATOM   399 N  N2    . G   B 1 7  ? 2.852   -7.337  -0.651  1.00 10.87 ? 7   G   B N2    1 
ATOM   400 N  N3    . G   B 1 7  ? 4.714   -6.129  0.039   1.00 10.63 ? 7   G   B N3    1 
ATOM   401 C  C4    . G   B 1 7  ? 5.163   -4.863  0.137   1.00 10.60 ? 7   G   B C4    1 
ATOM   402 P  P     . A   B 1 8  ? 10.066  -5.339  -2.924  1.00 17.29 ? 8   A   B P     1 
ATOM   403 O  OP1   . A   B 1 8  ? 11.314  -5.848  -3.560  1.00 22.56 ? 8   A   B OP1   1 
ATOM   404 O  OP2   . A   B 1 8  ? 9.670   -3.965  -3.240  1.00 15.59 ? 8   A   B OP2   1 
ATOM   405 O  "O5'" . A   B 1 8  ? 8.845   -6.265  -3.329  1.00 16.35 ? 8   A   B "O5'" 1 
ATOM   406 C  "C5'" . A   B 1 8  ? 8.895   -7.650  -3.062  1.00 17.38 ? 8   A   B "C5'" 1 
ATOM   407 C  "C4'" . A   B 1 8  ? 7.596   -8.289  -3.443  1.00 16.71 ? 8   A   B "C4'" 1 
ATOM   408 O  "O4'" . A   B 1 8  ? 6.492   -7.756  -2.658  1.00 16.50 ? 8   A   B "O4'" 1 
ATOM   409 C  "C3'" . A   B 1 8  ? 7.177   -8.032  -4.867  1.00 18.97 ? 8   A   B "C3'" 1 
ATOM   410 O  "O3'" . A   B 1 8  ? 7.886   -8.871  -5.745  1.00 25.63 ? 8   A   B "O3'" 1 
ATOM   411 C  "C2'" . A   B 1 8  ? 5.690   -8.318  -4.822  1.00 15.72 ? 8   A   B "C2'" 1 
ATOM   412 O  "O2'" . A   B 1 8  ? 5.477   -9.717  -4.761  1.00 19.26 ? 8   A   B "O2'" 1 
ATOM   413 C  "C1'" . A   B 1 8  ? 5.324   -7.719  -3.460  1.00 14.77 ? 8   A   B "C1'" 1 
ATOM   414 N  N9    . A   B 1 8  ? 4.870   -6.323  -3.577  1.00 12.86 ? 8   A   B N9    1 
ATOM   415 C  C8    . A   B 1 8  ? 5.586   -5.190  -3.334  1.00 10.15 ? 8   A   B C8    1 
ATOM   416 N  N7    . A   B 1 8  ? 4.941   -4.077  -3.514  1.00 10.68 ? 8   A   B N7    1 
ATOM   417 C  C5    . A   B 1 8  ? 3.677   -4.511  -3.885  1.00 12.05 ? 8   A   B C5    1 
ATOM   418 C  C6    . A   B 1 8  ? 2.509   -3.815  -4.207  1.00 11.62 ? 8   A   B C6    1 
ATOM   419 N  N6    . A   B 1 8  ? 2.439   -2.498  -4.192  1.00 11.01 ? 8   A   B N6    1 
ATOM   420 N  N1    . A   B 1 8  ? 1.432   -4.551  -4.548  1.00 12.06 ? 8   A   B N1    1 
ATOM   421 C  C2    . A   B 1 8  ? 1.490   -5.887  -4.561  1.00 10.89 ? 8   A   B C2    1 
ATOM   422 N  N3    . A   B 1 8  ? 2.536   -6.653  -4.266  1.00 12.80 ? 8   A   B N3    1 
ATOM   423 C  C4    . A   B 1 8  ? 3.600   -5.885  -3.937  1.00 10.85 ? 8   A   B C4    1 
ATOM   424 P  P     . G   B 1 9  ? 8.011   -8.459  -7.276  1.00 33.20 ? 9   G   B P     1 
ATOM   425 O  OP1   . G   B 1 9  ? 9.098   -9.280  -7.881  1.00 34.26 ? 9   G   B OP1   1 
ATOM   426 O  OP2   . G   B 1 9  ? 7.963   -6.994  -7.503  1.00 19.77 ? 9   G   B OP2   1 
ATOM   427 O  "O5'" . G   B 1 9  ? 6.604   -8.904  -7.836  1.00 27.98 ? 9   G   B "O5'" 1 
ATOM   428 C  "C5'" . G   B 1 9  ? 5.926   -8.010  -8.664  1.00 17.78 ? 9   G   B "C5'" 1 
ATOM   429 C  "C4'" . G   B 1 9  ? 4.483   -8.364  -8.759  1.00 16.41 ? 9   G   B "C4'" 1 
ATOM   430 O  "O4'" . G   B 1 9  ? 3.783   -7.796  -7.625  1.00 16.79 ? 9   G   B "O4'" 1 
ATOM   431 C  "C3'" . G   B 1 9  ? 3.842   -7.719  -9.965  1.00 13.20 ? 9   G   B "C3'" 1 
ATOM   432 O  "O3'" . G   B 1 9  ? 3.980   -8.534  -11.106 1.00 11.03 ? 9   G   B "O3'" 1 
ATOM   433 C  "C2'" . G   B 1 9  ? 2.403   -7.513  -9.530  1.00 13.57 ? 9   G   B "C2'" 1 
ATOM   434 O  "O2'" . G   B 1 9  ? 1.682   -8.732  -9.627  1.00 14.28 ? 9   G   B "O2'" 1 
ATOM   435 C  "C1'" . G   B 1 9  ? 2.592   -7.171  -8.049  1.00 15.33 ? 9   G   B "C1'" 1 
ATOM   436 N  N9    . G   B 1 9  ? 2.731   -5.717  -7.796  1.00 12.99 ? 9   G   B N9    1 
ATOM   437 C  C8    . G   B 1 9  ? 3.847   -4.991  -7.395  1.00 11.42 ? 9   G   B C8    1 
ATOM   438 N  N7    . G   B 1 9  ? 3.622   -3.711  -7.276  1.00 12.04 ? 9   G   B N7    1 
ATOM   439 C  C5    . G   B 1 9  ? 2.300   -3.562  -7.636  1.00 11.33 ? 9   G   B C5    1 
ATOM   440 C  C6    . G   B 1 9  ? 1.486   -2.408  -7.709  1.00 12.50 ? 9   G   B C6    1 
ATOM   441 O  O6    . G   B 1 9  ? 1.781   -1.246  -7.448  1.00 12.25 ? 9   G   B O6    1 
ATOM   442 N  N1    . G   B 1 9  ? 0.202   -2.723  -8.135  1.00 12.38 ? 9   G   B N1    1 
ATOM   443 C  C2    . G   B 1 9  ? -0.249  -3.973  -8.456  1.00 11.56 ? 9   G   B C2    1 
ATOM   444 N  N2    . G   B 1 9  ? -1.543  -4.053  -8.828  1.00 12.58 ? 9   G   B N2    1 
ATOM   445 N  N3    . G   B 1 9  ? 0.512   -5.060  -8.378  1.00 10.86 ? 9   G   B N3    1 
ATOM   446 C  C4    . G   B 1 9  ? 1.747   -4.775  -7.972  1.00 11.28 ? 9   G   B C4    1 
ATOM   447 P  P     . U   B 1 10 ? 4.214   -7.850  -12.516 1.00 13.15 ? 10  U   B P     1 
ATOM   448 O  OP1   . U   B 1 10 ? 4.503   -8.978  -13.461 1.00 13.75 ? 10  U   B OP1   1 
ATOM   449 O  OP2   . U   B 1 10 ? 5.156   -6.725  -12.414 1.00 14.11 ? 10  U   B OP2   1 
ATOM   450 O  "O5'" . U   B 1 10 ? 2.796   -7.199  -12.873 1.00 9.71  ? 10  U   B "O5'" 1 
ATOM   451 C  "C5'" . U   B 1 10 ? 1.653   -8.005  -13.097 1.00 9.92  ? 10  U   B "C5'" 1 
ATOM   452 C  "C4'" . U   B 1 10 ? 0.445   -7.116  -13.228 1.00 9.42  ? 10  U   B "C4'" 1 
ATOM   453 O  "O4'" . U   B 1 10 ? 0.225   -6.394  -11.992 1.00 10.48 ? 10  U   B "O4'" 1 
ATOM   454 C  "C3'" . U   B 1 10 ? 0.577   -6.016  -14.255 1.00 8.71  ? 10  U   B "C3'" 1 
ATOM   455 O  "O3'" . U   B 1 10 ? 0.392   -6.499  -15.566 1.00 8.68  ? 10  U   B "O3'" 1 
ATOM   456 C  "C2'" . U   B 1 10 ? -0.477  -5.018  -13.796 1.00 9.89  ? 10  U   B "C2'" 1 
ATOM   457 O  "O2'" . U   B 1 10 ? -1.780  -5.500  -14.110 1.00 10.82 ? 10  U   B "O2'" 1 
ATOM   458 C  "C1'" . U   B 1 10 ? -0.287  -5.097  -12.284 1.00 8.96  ? 10  U   B "C1'" 1 
ATOM   459 N  N1    . U   B 1 10 ? 0.672   -4.083  -11.789 1.00 10.08 ? 10  U   B N1    1 
ATOM   460 C  C2    . U   B 1 10 ? 0.204   -2.783  -11.631 1.00 10.38 ? 10  U   B C2    1 
ATOM   461 O  O2    . U   B 1 10 ? -0.945  -2.448  -11.924 1.00 10.47 ? 10  U   B O2    1 
ATOM   462 N  N3    . U   B 1 10 ? 1.137   -1.897  -11.133 1.00 9.88  ? 10  U   B N3    1 
ATOM   463 C  C4    . U   B 1 10 ? 2.446   -2.151  -10.799 1.00 9.28  ? 10  U   B C4    1 
ATOM   464 O  O4    . U   B 1 10 ? 3.132   -1.262  -10.321 1.00 11.03 ? 10  U   B O4    1 
ATOM   465 C  C5    . U   B 1 10 ? 2.861   -3.509  -10.979 1.00 10.13 ? 10  U   B C5    1 
ATOM   466 C  C6    . U   B 1 10 ? 1.977   -4.406  -11.463 1.00 8.50  ? 10  U   B C6    1 
ATOM   467 P  P     . C   B 1 11 ? 1.114   -5.783  -16.770 1.00 10.82 ? 11  C   B P     1 
ATOM   468 O  OP1   . C   B 1 11 ? 0.850   -6.721  -17.905 1.00 13.37 ? 11  C   B OP1   1 
ATOM   469 O  OP2   . C   B 1 11 ? 2.483   -5.367  -16.451 1.00 13.34 ? 11  C   B OP2   1 
ATOM   470 O  "O5'" . C   B 1 11 ? 0.305   -4.428  -17.024 1.00 8.59  ? 11  C   B "O5'" 1 
ATOM   471 C  "C5'" . C   B 1 11 ? -1.059  -4.498  -17.369 1.00 9.04  ? 11  C   B "C5'" 1 
ATOM   472 C  "C4'" . C   B 1 11 ? -1.643  -3.123  -17.418 1.00 10.04 ? 11  C   B "C4'" 1 
ATOM   473 O  "O4'" . C   B 1 11 ? -1.707  -2.605  -16.069 1.00 9.65  ? 11  C   B "O4'" 1 
ATOM   474 C  "C3'" . C   B 1 11 ? -0.843  -2.061  -18.162 1.00 10.46 ? 11  C   B "C3'" 1 
ATOM   475 O  "O3'" . C   B 1 11 ? -1.007  -2.130  -19.553 1.00 8.19  ? 11  C   B "O3'" 1 
ATOM   476 C  "C2'" . C   B 1 11 ? -1.406  -0.789  -17.561 1.00 10.00 ? 11  C   B "C2'" 1 
ATOM   477 O  "O2'" . C   B 1 11 ? -2.726  -0.591  -18.052 1.00 10.53 ? 11  C   B "O2'" 1 
ATOM   478 C  "C1'" . C   B 1 11 ? -1.508  -1.199  -16.097 1.00 9.79  ? 11  C   B "C1'" 1 
ATOM   479 N  N1    . C   B 1 11 ? -0.269  -0.878  -15.358 1.00 9.32  ? 11  C   B N1    1 
ATOM   480 C  C2    . C   B 1 11 ? -0.090  0.439   -14.916 1.00 12.67 ? 11  C   B C2    1 
ATOM   481 O  O2    . C   B 1 11 ? -0.982  1.278   -15.180 1.00 10.46 ? 11  C   B O2    1 
ATOM   482 N  N3    . C   B 1 11 ? 1.052   0.738   -14.212 1.00 10.41 ? 11  C   B N3    1 
ATOM   483 C  C4    . C   B 1 11 ? 1.961   -0.208  -13.987 1.00 8.45  ? 11  C   B C4    1 
ATOM   484 N  N4    . C   B 1 11 ? 3.028   0.159   -13.276 1.00 10.36 ? 11  C   B N4    1 
ATOM   485 C  C5    . C   B 1 11 ? 1.798   -1.555  -14.448 1.00 9.60  ? 11  C   B C5    1 
ATOM   486 C  C6    . C   B 1 11 ? 0.693   -1.842  -15.127 1.00 7.90  ? 11  C   B C6    1 
ATOM   487 P  P     . C   B 1 12 ? 0.214   -1.700  -20.515 1.00 10.64 ? 12  C   B P     1 
ATOM   488 O  OP1   . C   B 1 12 ? -0.153  -2.082  -21.923 1.00 10.99 ? 12  C   B OP1   1 
ATOM   489 O  OP2   . C   B 1 12 ? 1.490   -2.232  -19.947 1.00 12.18 ? 12  C   B OP2   1 
ATOM   490 O  "O5'" . C   B 1 12 ? 0.276   -0.124  -20.324 1.00 9.99  ? 12  C   B "O5'" 1 
ATOM   491 C  "C5'" . C   B 1 12 ? -0.819  0.694   -20.700 1.00 10.77 ? 12  C   B "C5'" 1 
ATOM   492 C  "C4'" . C   B 1 12 ? -0.632  2.111   -20.240 1.00 12.19 ? 12  C   B "C4'" 1 
ATOM   493 O  "O4'" . C   B 1 12 ? -0.543  2.157   -18.797 1.00 11.54 ? 12  C   B "O4'" 1 
ATOM   494 C  "C3'" . C   B 1 12 ? 0.640   2.809   -20.692 1.00 11.91 ? 12  C   B "C3'" 1 
ATOM   495 O  "O3'" . C   B 1 12 ? 0.564   3.256   -22.026 1.00 13.36 ? 12  C   B "O3'" 1 
ATOM   496 C  "C2'" . C   B 1 12 ? 0.759   3.930   -19.674 1.00 11.62 ? 12  C   B "C2'" 1 
ATOM   497 O  "O2'" . C   B 1 12 ? -0.180  4.971   -19.941 1.00 15.14 ? 12  C   B "O2'" 1 
ATOM   498 C  "C1'" . C   B 1 12 ? 0.320   3.210   -18.408 1.00 10.40 ? 12  C   B "C1'" 1 
ATOM   499 N  N1    . C   B 1 12 ? 1.499   2.633   -17.715 1.00 10.18 ? 12  C   B N1    1 
ATOM   500 C  C2    . C   B 1 12 ? 2.209   3.494   -16.853 1.00 10.57 ? 12  C   B C2    1 
ATOM   501 O  O2    . C   B 1 12 ? 1.870   4.675   -16.766 1.00 10.75 ? 12  C   B O2    1 
ATOM   502 N  N3    . C   B 1 12 ? 3.280   3.027   -16.189 1.00 9.38  ? 12  C   B N3    1 
ATOM   503 C  C4    . C   B 1 12 ? 3.640   1.770   -16.350 1.00 11.44 ? 12  C   B C4    1 
ATOM   504 N  N4    . C   B 1 12 ? 4.694   1.402   -15.660 1.00 10.45 ? 12  C   B N4    1 
ATOM   505 C  C5    . C   B 1 12 ? 2.935   0.847   -17.191 1.00 12.68 ? 12  C   B C5    1 
ATOM   506 C  C6    . C   B 1 12 ? 1.877   1.318   -17.866 1.00 10.79 ? 12  C   B C6    1 
HETATM 507 CO CO    . NCO C 2 .  ? -4.320  -2.861  8.728   1.00 16.66 3 101 NCO A CO    1 
HETATM 508 N  N1    . NCO C 2 .  ? -4.544  -4.708  9.427   1.00 19.94 ? 101 NCO A N1    1 
HETATM 509 N  N2    . NCO C 2 .  ? -4.143  -1.018  7.988   1.00 15.72 ? 101 NCO A N2    1 
HETATM 510 N  N3    . NCO C 2 .  ? -3.037  -2.381  10.199  1.00 14.52 ? 101 NCO A N3    1 
HETATM 511 N  N4    . NCO C 2 .  ? -2.833  -3.440  7.548   1.00 18.42 ? 101 NCO A N4    1 
HETATM 512 N  N5    . NCO C 2 .  ? -5.523  -3.282  7.202   1.00 23.07 ? 101 NCO A N5    1 
HETATM 513 N  N6    . NCO C 2 .  ? -5.845  -2.256  9.855   1.00 17.85 ? 101 NCO A N6    1 
HETATM 514 CO CO    A NCO D 2 .  ? 1.166   -3.873  19.849  0.53 20.81 3 102 NCO A CO    1 
HETATM 515 CO CO    B NCO D 2 .  ? 1.232   -4.047  19.899  0.47 20.36 3 102 NCO A CO    1 
HETATM 516 N  N1    A NCO D 2 .  ? 0.541   -5.525  20.755  0.53 21.96 ? 102 NCO A N1    1 
HETATM 517 N  N1    B NCO D 2 .  ? 0.572   -5.625  20.917  0.47 21.80 ? 102 NCO A N1    1 
HETATM 518 N  N2    A NCO D 2 .  ? 1.788   -2.180  19.013  0.53 17.25 ? 102 NCO A N2    1 
HETATM 519 N  N2    B NCO D 2 .  ? 1.942   -2.456  18.947  0.47 17.41 ? 102 NCO A N2    1 
HETATM 520 N  N3    A NCO D 2 .  ? 2.747   -3.848  21.061  0.53 19.12 ? 102 NCO A N3    1 
HETATM 521 N  N3    B NCO D 2 .  ? 3.011   -4.908  19.741  0.47 16.67 ? 102 NCO A N3    1 
HETATM 522 N  N4    A NCO D 2 .  ? 2.187   -4.934  18.523  0.53 10.77 ? 102 NCO A N4    1 
HETATM 523 N  N4    B NCO D 2 .  ? 0.808   -4.888  18.143  0.47 15.01 ? 102 NCO A N4    1 
HETATM 524 N  N5    A NCO D 2 .  ? -0.404  -3.835  18.639  0.53 17.27 ? 102 NCO A N5    1 
HETATM 525 N  N5    B NCO D 2 .  ? -0.568  -3.206  20.016  0.47 18.04 ? 102 NCO A N5    1 
HETATM 526 N  N6    A NCO D 2 .  ? 0.137   -2.816  21.176  0.53 19.07 ? 102 NCO A N6    1 
HETATM 527 N  N6    B NCO D 2 .  ? 1.698   -3.193  21.636  0.47 19.31 ? 102 NCO A N6    1 
HETATM 528 CO CO    . NCO E 2 .  ? 3.486   -6.112  -21.578 0.48 21.94 3 101 NCO B CO    1 
HETATM 529 N  N1    . NCO E 2 .  ? 4.981   -5.518  -20.415 0.48 20.51 ? 101 NCO B N1    1 
HETATM 530 N  N2    . NCO E 2 .  ? 1.969   -6.671  -22.731 0.48 17.17 ? 101 NCO B N2    1 
HETATM 531 N  N3    . NCO E 2 .  ? 4.732   -7.273  -22.596 0.48 20.04 ? 101 NCO B N3    1 
HETATM 532 N  N4    . NCO E 2 .  ? 3.079   -7.574  -20.293 0.48 18.70 ? 101 NCO B N4    1 
HETATM 533 N  N5    . NCO E 2 .  ? 2.254   -4.934  -20.575 0.48 17.95 ? 101 NCO B N5    1 
HETATM 534 N  N6    . NCO E 2 .  ? 3.905   -4.651  -22.859 0.48 17.47 ? 101 NCO B N6    1 
HETATM 535 O  O     . HOH F 3 .  ? -10.086 -1.666  -3.448  1.00 30.20 ? 201 HOH A O     1 
HETATM 536 O  O     . HOH F 3 .  ? 0.425   -0.389  20.840  1.00 19.69 ? 202 HOH A O     1 
HETATM 537 O  O     . HOH F 3 .  ? -9.545  5.917   -7.408  1.00 15.62 ? 203 HOH A O     1 
HETATM 538 O  O     . HOH F 3 .  ? -4.517  -5.126  3.266   1.00 27.82 ? 204 HOH A O     1 
HETATM 539 O  O     . HOH F 3 .  ? -9.431  9.948   15.980  1.00 20.99 ? 205 HOH A O     1 
HETATM 540 O  O     . HOH F 3 .  ? 0.749   8.825   -4.977  1.00 29.70 ? 206 HOH A O     1 
HETATM 541 O  O     . HOH F 3 .  ? 1.775   11.005  -5.576  1.00 22.29 ? 207 HOH A O     1 
HETATM 542 O  O     . HOH F 3 .  ? -5.169  -4.253  -0.070  1.00 23.47 ? 208 HOH A O     1 
HETATM 543 O  O     A HOH F 3 .  ? 8.632   2.966   -11.416 0.53 15.74 ? 209 HOH A O     1 
HETATM 544 O  O     B HOH F 3 .  ? 8.811   1.118   -11.461 0.47 12.97 ? 209 HOH A O     1 
HETATM 545 O  O     . HOH F 3 .  ? 4.004   9.560   -4.432  1.00 28.13 ? 210 HOH A O     1 
HETATM 546 O  O     . HOH F 3 .  ? -2.500  12.226  -8.252  1.00 24.05 ? 211 HOH A O     1 
HETATM 547 O  O     . HOH F 3 .  ? -1.606  11.974  -11.647 1.00 28.69 ? 212 HOH A O     1 
HETATM 548 O  O     . HOH F 3 .  ? -3.774  2.474   18.555  1.00 22.46 ? 213 HOH A O     1 
HETATM 549 O  O     . HOH F 3 .  ? 4.801   0.110   10.603  1.00 10.38 ? 214 HOH A O     1 
HETATM 550 O  O     . HOH F 3 .  ? -1.883  -6.021  8.256   1.00 21.20 ? 215 HOH A O     1 
HETATM 551 O  O     . HOH F 3 .  ? 1.474   -10.898 11.335  1.00 15.87 ? 216 HOH A O     1 
HETATM 552 O  O     . HOH F 3 .  ? 10.459  5.881   -8.839  1.00 26.28 ? 217 HOH A O     1 
HETATM 553 O  O     . HOH F 3 .  ? -3.999  8.528   -5.699  1.00 27.42 ? 218 HOH A O     1 
HETATM 554 O  O     . HOH F 3 .  ? -0.714  -1.695  15.921  1.00 15.91 ? 219 HOH A O     1 
HETATM 555 O  O     . HOH F 3 .  ? -8.149  -7.709  -5.827  1.00 23.46 ? 220 HOH A O     1 
HETATM 556 O  O     . HOH F 3 .  ? 5.343   2.150   -10.817 1.00 19.72 ? 221 HOH A O     1 
HETATM 557 O  O     . HOH F 3 .  ? 3.149   5.914   15.004  1.00 18.62 ? 222 HOH A O     1 
HETATM 558 O  O     . HOH F 3 .  ? 4.364   10.250  -13.902 1.00 22.03 ? 223 HOH A O     1 
HETATM 559 O  O     . HOH F 3 .  ? -2.235  7.570   12.990  1.00 11.91 ? 224 HOH A O     1 
HETATM 560 O  O     . HOH F 3 .  ? 0.076   -6.087  15.408  1.00 14.40 ? 225 HOH A O     1 
HETATM 561 O  O     . HOH F 3 .  ? -4.923  -1.638  -2.650  1.00 20.58 ? 226 HOH A O     1 
HETATM 562 O  O     . HOH F 3 .  ? -0.930  -3.291  12.902  1.00 10.80 ? 227 HOH A O     1 
HETATM 563 O  O     . HOH F 3 .  ? 5.042   4.721   -9.246  1.00 18.69 ? 228 HOH A O     1 
HETATM 564 O  O     . HOH F 3 .  ? -9.775  -1.166  -9.262  1.00 16.12 ? 229 HOH A O     1 
HETATM 565 O  O     . HOH F 3 .  ? -3.569  8.821   -12.968 1.00 25.26 ? 230 HOH A O     1 
HETATM 566 O  O     . HOH F 3 .  ? 1.825   6.534   -7.796  1.00 20.10 ? 231 HOH A O     1 
HETATM 567 O  O     . HOH F 3 .  ? 5.493   -4.470  7.681   1.00 15.71 ? 232 HOH A O     1 
HETATM 568 O  O     . HOH F 3 .  ? 4.711   -8.645  10.583  1.00 15.95 ? 233 HOH A O     1 
HETATM 569 O  O     . HOH F 3 .  ? 6.910   -3.473  11.191  1.00 24.56 ? 234 HOH A O     1 
HETATM 570 O  O     . HOH F 3 .  ? 0.222   -12.826 3.801   1.00 17.26 ? 235 HOH A O     1 
HETATM 571 O  O     . HOH F 3 .  ? -2.333  0.233   18.129  1.00 18.50 ? 236 HOH A O     1 
HETATM 572 O  O     . HOH F 3 .  ? -2.242  -5.240  11.640  1.00 16.67 ? 237 HOH A O     1 
HETATM 573 O  O     . HOH F 3 .  ? -2.594  -8.931  10.108  1.00 23.78 ? 238 HOH A O     1 
HETATM 574 O  O     . HOH F 3 .  ? 4.672   3.261   9.711   1.00 11.98 ? 239 HOH A O     1 
HETATM 575 O  O     . HOH F 3 .  ? -3.663  1.476   -13.310 1.00 17.73 ? 240 HOH A O     1 
HETATM 576 O  O     . HOH F 3 .  ? -2.618  -5.391  4.877   1.00 26.12 ? 241 HOH A O     1 
HETATM 577 O  O     . HOH F 3 .  ? 4.569   0.615   19.080  1.00 14.16 ? 242 HOH A O     1 
HETATM 578 O  O     . HOH F 3 .  ? -0.700  -0.750  0.798   1.00 18.27 ? 243 HOH A O     1 
HETATM 579 O  O     . HOH F 3 .  ? 6.754   0.578   -12.921 1.00 29.78 ? 244 HOH A O     1 
HETATM 580 O  O     . HOH F 3 .  ? -4.561  6.530   -14.040 1.00 21.25 ? 245 HOH A O     1 
HETATM 581 O  O     . HOH F 3 .  ? -1.372  -9.505  13.376  1.00 20.58 ? 246 HOH A O     1 
HETATM 582 O  O     . HOH F 3 .  ? 1.315   7.984   15.726  1.00 19.55 ? 247 HOH A O     1 
HETATM 583 O  O     . HOH F 3 .  ? 0.498   3.646   -6.055  1.00 23.10 ? 248 HOH A O     1 
HETATM 584 O  O     . HOH F 3 .  ? -0.497  7.579   -15.344 1.00 23.57 ? 249 HOH A O     1 
HETATM 585 O  O     . HOH F 3 .  ? -9.185  7.680   12.805  1.00 23.21 ? 250 HOH A O     1 
HETATM 586 O  O     . HOH F 3 .  ? -2.666  -3.052  0.970   1.00 19.29 ? 251 HOH A O     1 
HETATM 587 O  O     . HOH F 3 .  ? -1.926  5.267   -6.207  1.00 22.06 ? 252 HOH A O     1 
HETATM 588 O  O     . HOH F 3 .  ? 4.758   3.342   17.549  1.00 11.28 ? 253 HOH A O     1 
HETATM 589 O  O     . HOH F 3 .  ? -2.584  -1.821  3.614   1.00 25.72 ? 254 HOH A O     1 
HETATM 590 O  O     . HOH F 3 .  ? 3.162   3.516   -7.774  1.00 22.76 ? 255 HOH A O     1 
HETATM 591 O  O     . HOH F 3 .  ? -3.473  -2.243  13.890  1.00 16.35 ? 256 HOH A O     1 
HETATM 592 O  O     . HOH F 3 .  ? -2.656  4.987   -16.457 1.00 25.40 ? 257 HOH A O     1 
HETATM 593 O  O     . HOH F 3 .  ? -4.502  -0.483  16.600  1.00 18.72 ? 258 HOH A O     1 
HETATM 594 O  O     . HOH F 3 .  ? -2.495  -1.038  -1.874  1.00 16.58 ? 259 HOH A O     1 
HETATM 595 O  O     . HOH F 3 .  ? -10.646 -4.198  -3.769  1.00 28.59 ? 260 HOH A O     1 
HETATM 596 O  O     . HOH F 3 .  ? 1.788   9.382   -15.621 1.00 15.48 ? 261 HOH A O     1 
HETATM 597 O  O     . HOH F 3 .  ? 5.291   -2.056  20.250  1.00 8.29  ? 262 HOH A O     1 
HETATM 598 O  O     . HOH F 3 .  ? -6.578  -10.241 -5.649  1.00 28.40 ? 263 HOH A O     1 
HETATM 599 O  O     . HOH F 3 .  ? -12.209 0.212   -6.143  1.00 27.60 ? 264 HOH A O     1 
HETATM 600 O  O     . HOH F 3 .  ? -6.323  -1.386  0.841   1.00 31.12 ? 265 HOH A O     1 
HETATM 601 O  O     . HOH F 3 .  ? -6.367  -2.279  17.064  1.00 27.33 ? 266 HOH A O     1 
HETATM 602 O  O     . HOH F 3 .  ? -5.622  6.093   -2.475  1.00 31.66 ? 267 HOH A O     1 
HETATM 603 O  O     . HOH F 3 .  ? -0.373  3.831   -2.224  1.00 31.95 ? 268 HOH A O     1 
HETATM 604 O  O     . HOH G 3 .  ? 11.232  -8.483  -7.104  1.00 27.40 ? 201 HOH B O     1 
HETATM 605 O  O     . HOH G 3 .  ? -0.748  1.804   2.051   1.00 18.30 ? 202 HOH B O     1 
HETATM 606 O  O     . HOH G 3 .  ? 2.432   5.387   9.537   1.00 22.60 ? 203 HOH B O     1 
HETATM 607 O  O     . HOH G 3 .  ? -1.456  6.603   1.316   1.00 28.55 ? 204 HOH B O     1 
HETATM 608 O  O     . HOH G 3 .  ? -0.875  -8.795  -10.031 1.00 20.86 ? 205 HOH B O     1 
HETATM 609 O  O     . HOH G 3 .  ? 2.321   -2.640  -23.293 1.00 21.54 ? 206 HOH B O     1 
HETATM 610 O  O     . HOH G 3 .  ? -3.246  1.806   -17.193 1.00 21.68 ? 207 HOH B O     1 
HETATM 611 O  O     . HOH G 3 .  ? 3.865   -0.003  -6.508  1.00 25.13 ? 208 HOH B O     1 
HETATM 612 O  O     . HOH G 3 .  ? 7.187   1.608   0.057   1.00 16.89 ? 209 HOH B O     1 
HETATM 613 O  O     . HOH G 3 .  ? -6.845  1.064   4.062   1.00 30.51 ? 210 HOH B O     1 
HETATM 614 O  O     . HOH G 3 .  ? -13.363 4.087   9.163   1.00 20.08 ? 211 HOH B O     1 
HETATM 615 O  O     . HOH G 3 .  ? -4.196  5.555   3.208   1.00 20.15 ? 212 HOH B O     1 
HETATM 616 O  O     . HOH G 3 .  ? 5.585   -2.133  -6.465  1.00 19.24 ? 213 HOH B O     1 
HETATM 617 O  O     . HOH G 3 .  ? 6.451   0.332   8.371   1.00 11.73 ? 214 HOH B O     1 
HETATM 618 O  O     . HOH G 3 .  ? 4.235   -9.046  -16.107 1.00 16.64 ? 215 HOH B O     1 
HETATM 619 O  O     . HOH G 3 .  ? 0.836   5.543   1.512   1.00 28.36 ? 216 HOH B O     1 
HETATM 620 O  O     . HOH G 3 .  ? -7.608  -0.879  7.448   1.00 22.02 ? 217 HOH B O     1 
HETATM 621 O  O     . HOH G 3 .  ? 9.769   5.643   6.493   1.00 15.18 ? 218 HOH B O     1 
HETATM 622 O  O     . HOH G 3 .  ? 4.646   -6.598  -17.498 1.00 20.53 ? 219 HOH B O     1 
HETATM 623 O  O     . HOH G 3 .  ? -10.821 -4.325  8.336   1.00 21.57 ? 220 HOH B O     1 
HETATM 624 O  O     . HOH G 3 .  ? -2.816  -7.726  -12.932 1.00 18.77 ? 221 HOH B O     1 
HETATM 625 O  O     . HOH G 3 .  ? 4.999   0.011   -0.746  1.00 14.21 ? 222 HOH B O     1 
HETATM 626 O  O     . HOH G 3 .  ? 7.460   -2.440  -2.681  1.00 23.49 ? 223 HOH B O     1 
HETATM 627 O  O     . HOH G 3 .  ? 4.347   4.311   1.381   1.00 19.30 ? 224 HOH B O     1 
HETATM 628 O  O     . HOH G 3 .  ? 1.872   -0.135  -1.307  1.00 19.59 ? 225 HOH B O     1 
HETATM 629 O  O     . HOH G 3 .  ? 0.018   10.291  1.058   1.00 27.39 ? 226 HOH B O     1 
HETATM 630 O  O     . HOH G 3 .  ? 1.686   -9.286  -17.316 1.00 16.75 ? 227 HOH B O     1 
HETATM 631 O  O     . HOH G 3 .  ? 3.144   -2.898  -17.830 1.00 16.03 ? 228 HOH B O     1 
HETATM 632 O  O     . HOH G 3 .  ? 13.840  -1.944  1.796   1.00 22.29 ? 229 HOH B O     1 
HETATM 633 O  O     . HOH G 3 .  ? 12.603  -1.931  4.300   1.00 19.34 ? 230 HOH B O     1 
HETATM 634 O  O     . HOH G 3 .  ? -8.595  -3.713  11.529  1.00 20.88 ? 231 HOH B O     1 
HETATM 635 O  O     . HOH G 3 .  ? -0.752  -6.704  -22.111 1.00 22.47 ? 232 HOH B O     1 
HETATM 636 O  O     . HOH G 3 .  ? 0.326   6.895   -17.484 1.00 23.05 ? 233 HOH B O     1 
HETATM 637 O  O     . HOH G 3 .  ? -7.736  -2.504  13.829  1.00 26.49 ? 234 HOH B O     1 
HETATM 638 O  O     . HOH G 3 .  ? -11.484 5.811   10.623  1.00 21.01 ? 235 HOH B O     1 
HETATM 639 O  O     . HOH G 3 .  ? 6.552   -9.003  1.252   1.00 23.69 ? 236 HOH B O     1 
HETATM 640 O  O     . HOH G 3 .  ? 9.363   -5.100  4.374   1.00 19.87 ? 237 HOH B O     1 
HETATM 641 O  O     . HOH G 3 .  ? 10.762  -9.173  -0.229  1.00 27.21 ? 238 HOH B O     1 
HETATM 642 O  O     . HOH G 3 .  ? 4.238   -4.682  -14.302 1.00 15.30 ? 239 HOH B O     1 
HETATM 643 O  O     . HOH G 3 .  ? -7.476  7.939   9.857   1.00 23.02 ? 240 HOH B O     1 
HETATM 644 O  O     . HOH G 3 .  ? -5.907  3.105   5.110   1.00 22.19 ? 241 HOH B O     1 
HETATM 645 O  O     . HOH G 3 .  ? 3.946   -0.888  -20.605 1.00 19.44 ? 242 HOH B O     1 
HETATM 646 O  O     . HOH G 3 .  ? 2.933   -11.328 -10.076 1.00 22.20 ? 243 HOH B O     1 
HETATM 647 O  O     . HOH G 3 .  ? 2.707   2.158   0.624   1.00 18.00 ? 244 HOH B O     1 
HETATM 648 O  O     . HOH G 3 .  ? -4.822  1.409   6.369   1.00 21.87 ? 245 HOH B O     1 
HETATM 649 O  O     . HOH G 3 .  ? 5.084   -1.953  -13.172 1.00 14.53 ? 246 HOH B O     1 
HETATM 650 O  O     . HOH G 3 .  ? 4.082   7.198   1.162   1.00 25.58 ? 247 HOH B O     1 
HETATM 651 O  O     . HOH G 3 .  ? 4.984   -1.078  -3.411  1.00 19.69 ? 248 HOH B O     1 
HETATM 652 O  O     . HOH G 3 .  ? -1.815  5.001   -22.754 1.00 25.15 ? 249 HOH B O     1 
HETATM 653 O  O     . HOH G 3 .  ? 5.324   -1.526  -16.366 1.00 18.12 ? 250 HOH B O     1 
HETATM 654 O  O     . HOH G 3 .  ? -13.034 -4.646  4.297   1.00 22.38 ? 251 HOH B O     1 
HETATM 655 O  O     . HOH G 3 .  ? 0.299   3.100   0.467   1.00 27.58 ? 252 HOH B O     1 
HETATM 656 O  O     . HOH G 3 .  ? -0.340  13.483  6.849   1.00 25.02 ? 253 HOH B O     1 
HETATM 657 O  O     . HOH G 3 .  ? 7.048   2.609   -2.714  1.00 27.68 ? 254 HOH B O     1 
HETATM 658 O  O     . HOH G 3 .  ? 6.083   0.342   -4.782  1.00 29.58 ? 255 HOH B O     1 
# 
loop_
_pdbx_poly_seq_scheme.asym_id 
_pdbx_poly_seq_scheme.entity_id 
_pdbx_poly_seq_scheme.seq_id 
_pdbx_poly_seq_scheme.mon_id 
_pdbx_poly_seq_scheme.ndb_seq_num 
_pdbx_poly_seq_scheme.pdb_seq_num 
_pdbx_poly_seq_scheme.auth_seq_num 
_pdbx_poly_seq_scheme.pdb_mon_id 
_pdbx_poly_seq_scheme.auth_mon_id 
_pdbx_poly_seq_scheme.pdb_strand_id 
_pdbx_poly_seq_scheme.pdb_ins_code 
_pdbx_poly_seq_scheme.hetero 
A 1 1  G   1  1  1  G   G   A . n 
A 1 2  G   2  2  2  G   G   A . n 
A 1 3  A   3  3  3  A   A   A . n 
A 1 4  IKS 4  4  4  IKS UNK A . n 
A 1 5  ILK 5  5  5  ILK UNK A . n 
A 1 6  IKS 6  6  6  IKS UNK A . n 
A 1 7  G   7  7  7  G   G   A . n 
A 1 8  A   8  8  8  A   A   A . n 
A 1 9  G   9  9  9  G   G   A . n 
A 1 10 U   10 10 10 U   U   A . n 
A 1 11 C   11 11 11 C   C   A . n 
A 1 12 C   12 12 12 C   C   A . n 
B 1 1  G   1  1  1  G   G   B . n 
B 1 2  G   2  2  2  G   G   B . n 
B 1 3  A   3  3  3  A   A   B . n 
B 1 4  IKS 4  4  4  IKS UNK B . n 
B 1 5  ILK 5  5  5  ILK UNK B . n 
B 1 6  IKS 6  6  6  IKS UNK B . n 
B 1 7  G   7  7  7  G   G   B . n 
B 1 8  A   8  8  8  A   A   B . n 
B 1 9  G   9  9  9  G   G   B . n 
B 1 10 U   10 10 10 U   U   B . n 
B 1 11 C   11 11 11 C   C   B . n 
B 1 12 C   12 12 12 C   C   B . n 
# 
_pdbx_contact_author.id                 2 
_pdbx_contact_author.email              j.kondo@sophia.ac.jp 
_pdbx_contact_author.name_first         Jiro 
_pdbx_contact_author.name_last          Kondo 
_pdbx_contact_author.name_mi            ? 
_pdbx_contact_author.role               'principal investigator/group leader' 
_pdbx_contact_author.identifier_ORCID   0000-0002-5682-3685 
# 
loop_
_pdbx_nonpoly_scheme.asym_id 
_pdbx_nonpoly_scheme.entity_id 
_pdbx_nonpoly_scheme.mon_id 
_pdbx_nonpoly_scheme.ndb_seq_num 
_pdbx_nonpoly_scheme.pdb_seq_num 
_pdbx_nonpoly_scheme.auth_seq_num 
_pdbx_nonpoly_scheme.pdb_mon_id 
_pdbx_nonpoly_scheme.auth_mon_id 
_pdbx_nonpoly_scheme.pdb_strand_id 
_pdbx_nonpoly_scheme.pdb_ins_code 
C 2 NCO 1  101 1   NCO NCO A . 
D 2 NCO 1  102 2   NCO NCO A . 
E 2 NCO 1  101 3   NCO NCO B . 
F 3 HOH 1  201 98  HOH HOH A . 
F 3 HOH 2  202 35  HOH HOH A . 
F 3 HOH 3  203 38  HOH HOH A . 
F 3 HOH 4  204 66  HOH HOH A . 
F 3 HOH 5  205 12  HOH HOH A . 
F 3 HOH 6  206 71  HOH HOH A . 
F 3 HOH 7  207 87  HOH HOH A . 
F 3 HOH 8  208 61  HOH HOH A . 
F 3 HOH 9  209 14  HOH HOH A . 
F 3 HOH 10 210 101 HOH HOH A . 
F 3 HOH 11 211 84  HOH HOH A . 
F 3 HOH 12 212 60  HOH HOH A . 
F 3 HOH 13 213 113 HOH HOH A . 
F 3 HOH 14 214 1   HOH HOH A . 
F 3 HOH 15 215 127 HOH HOH A . 
F 3 HOH 16 216 37  HOH HOH A . 
F 3 HOH 17 217 76  HOH HOH A . 
F 3 HOH 18 218 126 HOH HOH A . 
F 3 HOH 19 219 16  HOH HOH A . 
F 3 HOH 20 220 32  HOH HOH A . 
F 3 HOH 21 221 52  HOH HOH A . 
F 3 HOH 22 222 23  HOH HOH A . 
F 3 HOH 23 223 64  HOH HOH A . 
F 3 HOH 24 224 11  HOH HOH A . 
F 3 HOH 25 225 4   HOH HOH A . 
F 3 HOH 26 226 46  HOH HOH A . 
F 3 HOH 27 227 15  HOH HOH A . 
F 3 HOH 28 228 42  HOH HOH A . 
F 3 HOH 29 229 27  HOH HOH A . 
F 3 HOH 30 230 99  HOH HOH A . 
F 3 HOH 31 231 130 HOH HOH A . 
F 3 HOH 32 232 18  HOH HOH A . 
F 3 HOH 33 233 34  HOH HOH A . 
F 3 HOH 34 234 110 HOH HOH A . 
F 3 HOH 35 235 56  HOH HOH A . 
F 3 HOH 36 236 40  HOH HOH A . 
F 3 HOH 37 237 49  HOH HOH A . 
F 3 HOH 38 238 119 HOH HOH A . 
F 3 HOH 39 239 3   HOH HOH A . 
F 3 HOH 40 240 69  HOH HOH A . 
F 3 HOH 41 241 19  HOH HOH A . 
F 3 HOH 42 242 7   HOH HOH A . 
F 3 HOH 43 243 36  HOH HOH A . 
F 3 HOH 44 244 133 HOH HOH A . 
F 3 HOH 45 245 43  HOH HOH A . 
F 3 HOH 46 246 39  HOH HOH A . 
F 3 HOH 47 247 103 HOH HOH A . 
F 3 HOH 48 248 81  HOH HOH A . 
F 3 HOH 49 249 120 HOH HOH A . 
F 3 HOH 50 250 109 HOH HOH A . 
F 3 HOH 51 251 33  HOH HOH A . 
F 3 HOH 52 252 115 HOH HOH A . 
F 3 HOH 53 253 2   HOH HOH A . 
F 3 HOH 54 254 90  HOH HOH A . 
F 3 HOH 55 255 72  HOH HOH A . 
F 3 HOH 56 256 58  HOH HOH A . 
F 3 HOH 57 257 48  HOH HOH A . 
F 3 HOH 58 258 29  HOH HOH A . 
F 3 HOH 59 259 6   HOH HOH A . 
F 3 HOH 60 260 97  HOH HOH A . 
F 3 HOH 61 261 5   HOH HOH A . 
F 3 HOH 62 262 67  HOH HOH A . 
F 3 HOH 63 263 129 HOH HOH A . 
F 3 HOH 64 264 131 HOH HOH A . 
F 3 HOH 65 265 92  HOH HOH A . 
F 3 HOH 66 266 107 HOH HOH A . 
F 3 HOH 67 267 136 HOH HOH A . 
F 3 HOH 68 268 111 HOH HOH A . 
G 3 HOH 1  201 125 HOH HOH B . 
G 3 HOH 2  202 47  HOH HOH B . 
G 3 HOH 3  203 57  HOH HOH B . 
G 3 HOH 4  204 82  HOH HOH B . 
G 3 HOH 5  205 96  HOH HOH B . 
G 3 HOH 6  206 95  HOH HOH B . 
G 3 HOH 7  207 41  HOH HOH B . 
G 3 HOH 8  208 102 HOH HOH B . 
G 3 HOH 9  209 68  HOH HOH B . 
G 3 HOH 10 210 73  HOH HOH B . 
G 3 HOH 11 211 28  HOH HOH B . 
G 3 HOH 12 212 100 HOH HOH B . 
G 3 HOH 13 213 10  HOH HOH B . 
G 3 HOH 14 214 25  HOH HOH B . 
G 3 HOH 15 215 17  HOH HOH B . 
G 3 HOH 16 216 78  HOH HOH B . 
G 3 HOH 17 217 94  HOH HOH B . 
G 3 HOH 18 218 13  HOH HOH B . 
G 3 HOH 19 219 9   HOH HOH B . 
G 3 HOH 20 220 54  HOH HOH B . 
G 3 HOH 21 221 79  HOH HOH B . 
G 3 HOH 22 222 30  HOH HOH B . 
G 3 HOH 23 223 123 HOH HOH B . 
G 3 HOH 24 224 74  HOH HOH B . 
G 3 HOH 25 225 128 HOH HOH B . 
G 3 HOH 26 226 121 HOH HOH B . 
G 3 HOH 27 227 44  HOH HOH B . 
G 3 HOH 28 228 50  HOH HOH B . 
G 3 HOH 29 229 77  HOH HOH B . 
G 3 HOH 30 230 26  HOH HOH B . 
G 3 HOH 31 231 86  HOH HOH B . 
G 3 HOH 32 232 124 HOH HOH B . 
G 3 HOH 33 233 63  HOH HOH B . 
G 3 HOH 34 234 122 HOH HOH B . 
G 3 HOH 35 235 53  HOH HOH B . 
G 3 HOH 36 236 132 HOH HOH B . 
G 3 HOH 37 237 65  HOH HOH B . 
G 3 HOH 38 238 105 HOH HOH B . 
G 3 HOH 39 239 31  HOH HOH B . 
G 3 HOH 40 240 89  HOH HOH B . 
G 3 HOH 41 241 88  HOH HOH B . 
G 3 HOH 42 242 20  HOH HOH B . 
G 3 HOH 43 243 51  HOH HOH B . 
G 3 HOH 44 244 24  HOH HOH B . 
G 3 HOH 45 245 80  HOH HOH B . 
G 3 HOH 46 246 8   HOH HOH B . 
G 3 HOH 47 247 116 HOH HOH B . 
G 3 HOH 48 248 22  HOH HOH B . 
G 3 HOH 49 249 85  HOH HOH B . 
G 3 HOH 50 250 21  HOH HOH B . 
G 3 HOH 51 251 55  HOH HOH B . 
G 3 HOH 52 252 70  HOH HOH B . 
G 3 HOH 53 253 75  HOH HOH B . 
G 3 HOH 54 254 106 HOH HOH B . 
G 3 HOH 55 255 135 HOH HOH B . 
# 
_pdbx_struct_assembly.id                   1 
_pdbx_struct_assembly.details              author_and_software_defined_assembly 
_pdbx_struct_assembly.method_details       PISA 
_pdbx_struct_assembly.oligomeric_details   dimeric 
_pdbx_struct_assembly.oligomeric_count     2 
# 
_pdbx_struct_assembly_gen.assembly_id       1 
_pdbx_struct_assembly_gen.oper_expression   1 
_pdbx_struct_assembly_gen.asym_id_list      A,B,C,D,E,F,G 
# 
loop_
_pdbx_struct_assembly_prop.biol_id 
_pdbx_struct_assembly_prop.type 
_pdbx_struct_assembly_prop.value 
_pdbx_struct_assembly_prop.details 
1 'ABSA (A^2)' 1740 ? 
1 MORE         -8   ? 
1 'SSA (A^2)'  4700 ? 
# 
_pdbx_struct_oper_list.id                   1 
_pdbx_struct_oper_list.type                 'identity operation' 
_pdbx_struct_oper_list.name                 1_555 
_pdbx_struct_oper_list.symmetry_operation   x,y,z 
_pdbx_struct_oper_list.matrix[1][1]         1.0000000000 
_pdbx_struct_oper_list.matrix[1][2]         0.0000000000 
_pdbx_struct_oper_list.matrix[1][3]         0.0000000000 
_pdbx_struct_oper_list.vector[1]            0.0000000000 
_pdbx_struct_oper_list.matrix[2][1]         0.0000000000 
_pdbx_struct_oper_list.matrix[2][2]         1.0000000000 
_pdbx_struct_oper_list.matrix[2][3]         0.0000000000 
_pdbx_struct_oper_list.vector[2]            0.0000000000 
_pdbx_struct_oper_list.matrix[3][1]         0.0000000000 
_pdbx_struct_oper_list.matrix[3][2]         0.0000000000 
_pdbx_struct_oper_list.matrix[3][3]         1.0000000000 
_pdbx_struct_oper_list.vector[3]            0.0000000000 
# 
loop_
_pdbx_audit_revision_history.ordinal 
_pdbx_audit_revision_history.data_content_type 
_pdbx_audit_revision_history.major_revision 
_pdbx_audit_revision_history.minor_revision 
_pdbx_audit_revision_history.revision_date 
1 'Structure model' 1 0 2023-05-03 
2 'Structure model' 1 1 2023-11-29 
# 
_pdbx_audit_revision_details.ordinal             1 
_pdbx_audit_revision_details.revision_ordinal    1 
_pdbx_audit_revision_details.data_content_type   'Structure model' 
_pdbx_audit_revision_details.provider            repository 
_pdbx_audit_revision_details.type                'Initial release' 
_pdbx_audit_revision_details.description         ? 
_pdbx_audit_revision_details.details             ? 
# 
loop_
_pdbx_audit_revision_group.ordinal 
_pdbx_audit_revision_group.revision_ordinal 
_pdbx_audit_revision_group.data_content_type 
_pdbx_audit_revision_group.group 
1 2 'Structure model' 'Data collection'        
2 2 'Structure model' 'Refinement description' 
# 
loop_
_pdbx_audit_revision_category.ordinal 
_pdbx_audit_revision_category.revision_ordinal 
_pdbx_audit_revision_category.data_content_type 
_pdbx_audit_revision_category.category 
1 2 'Structure model' chem_comp_atom                
2 2 'Structure model' chem_comp_bond                
3 2 'Structure model' pdbx_initial_refinement_model 
# 
loop_
_software.citation_id 
_software.classification 
_software.compiler_name 
_software.compiler_version 
_software.contact_author 
_software.contact_author_email 
_software.date 
_software.description 
_software.dependencies 
_software.hardware 
_software.language 
_software.location 
_software.mods 
_software.name 
_software.os 
_software.os_version 
_software.type 
_software.version 
_software.pdbx_ordinal 
? refinement        ? ? ? ? ? ? ? ? ? ? ? PHENIX      ? ? ? 1.17.1 1 
? 'data scaling'    ? ? ? ? ? ? ? ? ? ? ? XSCALE      ? ? ? .      2 
? 'data extraction' ? ? ? ? ? ? ? ? ? ? ? PDB_EXTRACT ? ? ? 3.27   3 
? 'data reduction'  ? ? ? ? ? ? ? ? ? ? ? XDS         ? ? ? .      4 
? phasing           ? ? ? ? ? ? ? ? ? ? ? PHENIX      ? ? ? .      5 
# 
_pdbx_entry_details.entry_id                 7Y8P 
_pdbx_entry_details.has_ligand_of_interest   N 
_pdbx_entry_details.compound_details         ? 
_pdbx_entry_details.source_details           ? 
_pdbx_entry_details.nonpolymer_details       ? 
_pdbx_entry_details.sequence_details         ? 
# 
loop_
_pdbx_validate_rmsd_angle.id 
_pdbx_validate_rmsd_angle.PDB_model_num 
_pdbx_validate_rmsd_angle.auth_atom_id_1 
_pdbx_validate_rmsd_angle.auth_asym_id_1 
_pdbx_validate_rmsd_angle.auth_comp_id_1 
_pdbx_validate_rmsd_angle.auth_seq_id_1 
_pdbx_validate_rmsd_angle.PDB_ins_code_1 
_pdbx_validate_rmsd_angle.label_alt_id_1 
_pdbx_validate_rmsd_angle.auth_atom_id_2 
_pdbx_validate_rmsd_angle.auth_asym_id_2 
_pdbx_validate_rmsd_angle.auth_comp_id_2 
_pdbx_validate_rmsd_angle.auth_seq_id_2 
_pdbx_validate_rmsd_angle.PDB_ins_code_2 
_pdbx_validate_rmsd_angle.label_alt_id_2 
_pdbx_validate_rmsd_angle.auth_atom_id_3 
_pdbx_validate_rmsd_angle.auth_asym_id_3 
_pdbx_validate_rmsd_angle.auth_comp_id_3 
_pdbx_validate_rmsd_angle.auth_seq_id_3 
_pdbx_validate_rmsd_angle.PDB_ins_code_3 
_pdbx_validate_rmsd_angle.label_alt_id_3 
_pdbx_validate_rmsd_angle.angle_value 
_pdbx_validate_rmsd_angle.angle_target_value 
_pdbx_validate_rmsd_angle.angle_deviation 
_pdbx_validate_rmsd_angle.angle_standard_deviation 
_pdbx_validate_rmsd_angle.linker_flag 
1 1 "O3'" A A   3 ? ? P     A IKS 4 ? ? OP2 A IKS 4 ? ? 118.07 110.50 7.57 1.10 Y 
2 1 "O3'" A ILK 5 ? ? P     A IKS 6 ? ? OP2 A IKS 6 ? ? 119.68 110.50 9.18 1.10 Y 
3 1 C8    B G   2 ? ? N9    B G   2 ? ? C4  B G   2 ? ? 110.12 106.40 3.72 0.40 N 
4 1 "C3'" B ILK 5 ? ? "O3'" B ILK 5 ? ? P   B IKS 6 ? ? 127.43 119.70 7.73 1.20 Y 
# 
loop_
_chem_comp_atom.comp_id 
_chem_comp_atom.atom_id 
_chem_comp_atom.type_symbol 
_chem_comp_atom.pdbx_aromatic_flag 
_chem_comp_atom.pdbx_stereo_config 
_chem_comp_atom.pdbx_ordinal 
A   OP3    O  N N 1   
A   P      P  N N 2   
A   OP1    O  N N 3   
A   OP2    O  N N 4   
A   "O5'"  O  N N 5   
A   "C5'"  C  N N 6   
A   "C4'"  C  N R 7   
A   "O4'"  O  N N 8   
A   "C3'"  C  N S 9   
A   "O3'"  O  N N 10  
A   "C2'"  C  N R 11  
A   "O2'"  O  N N 12  
A   "C1'"  C  N R 13  
A   N9     N  Y N 14  
A   C8     C  Y N 15  
A   N7     N  Y N 16  
A   C5     C  Y N 17  
A   C6     C  Y N 18  
A   N6     N  N N 19  
A   N1     N  Y N 20  
A   C2     C  Y N 21  
A   N3     N  Y N 22  
A   C4     C  Y N 23  
A   HOP3   H  N N 24  
A   HOP2   H  N N 25  
A   "H5'"  H  N N 26  
A   "H5''" H  N N 27  
A   "H4'"  H  N N 28  
A   "H3'"  H  N N 29  
A   "HO3'" H  N N 30  
A   "H2'"  H  N N 31  
A   "HO2'" H  N N 32  
A   "H1'"  H  N N 33  
A   H8     H  N N 34  
A   H61    H  N N 35  
A   H62    H  N N 36  
A   H2     H  N N 37  
C   OP3    O  N N 38  
C   P      P  N N 39  
C   OP1    O  N N 40  
C   OP2    O  N N 41  
C   "O5'"  O  N N 42  
C   "C5'"  C  N N 43  
C   "C4'"  C  N R 44  
C   "O4'"  O  N N 45  
C   "C3'"  C  N S 46  
C   "O3'"  O  N N 47  
C   "C2'"  C  N R 48  
C   "O2'"  O  N N 49  
C   "C1'"  C  N R 50  
C   N1     N  N N 51  
C   C2     C  N N 52  
C   O2     O  N N 53  
C   N3     N  N N 54  
C   C4     C  N N 55  
C   N4     N  N N 56  
C   C5     C  N N 57  
C   C6     C  N N 58  
C   HOP3   H  N N 59  
C   HOP2   H  N N 60  
C   "H5'"  H  N N 61  
C   "H5''" H  N N 62  
C   "H4'"  H  N N 63  
C   "H3'"  H  N N 64  
C   "HO3'" H  N N 65  
C   "H2'"  H  N N 66  
C   "HO2'" H  N N 67  
C   "H1'"  H  N N 68  
C   H41    H  N N 69  
C   H42    H  N N 70  
C   H5     H  N N 71  
C   H6     H  N N 72  
G   OP3    O  N N 73  
G   P      P  N N 74  
G   OP1    O  N N 75  
G   OP2    O  N N 76  
G   "O5'"  O  N N 77  
G   "C5'"  C  N N 78  
G   "C4'"  C  N R 79  
G   "O4'"  O  N N 80  
G   "C3'"  C  N S 81  
G   "O3'"  O  N N 82  
G   "C2'"  C  N R 83  
G   "O2'"  O  N N 84  
G   "C1'"  C  N R 85  
G   N9     N  Y N 86  
G   C8     C  Y N 87  
G   N7     N  Y N 88  
G   C5     C  Y N 89  
G   C6     C  N N 90  
G   O6     O  N N 91  
G   N1     N  N N 92  
G   C2     C  N N 93  
G   N2     N  N N 94  
G   N3     N  N N 95  
G   C4     C  Y N 96  
G   HOP3   H  N N 97  
G   HOP2   H  N N 98  
G   "H5'"  H  N N 99  
G   "H5''" H  N N 100 
G   "H4'"  H  N N 101 
G   "H3'"  H  N N 102 
G   "HO3'" H  N N 103 
G   "H2'"  H  N N 104 
G   "HO2'" H  N N 105 
G   "H1'"  H  N N 106 
G   H8     H  N N 107 
G   H1     H  N N 108 
G   H21    H  N N 109 
G   H22    H  N N 110 
HOH O      O  N N 111 
HOH H1     H  N N 112 
HOH H2     H  N N 113 
IKS P      P  N N 114 
IKS OP1    O  N N 115 
IKS OP2    O  N N 116 
IKS "O5'"  O  N N 117 
IKS "C5'"  C  N N 118 
IKS "C4'"  C  N R 119 
IKS "C3'"  C  N S 120 
IKS "O3'"  O  N N 121 
IKS "C2'"  C  N R 122 
IKS "O2'"  O  N N 123 
IKS "C1'"  C  N R 124 
IKS N1     N  N N 125 
IKS C2     C  N N 126 
IKS O2     O  N N 127 
IKS N3     N  N N 128 
IKS C4     C  N N 129 
IKS N4     N  N N 130 
IKS C5     C  N N 131 
IKS C6     C  N N 132 
IKS SE4    SE N N 133 
IKS H2     H  N N 134 
IKS H3     H  N N 135 
IKS H4     H  N N 136 
IKS H5     H  N N 137 
IKS H6     H  N N 138 
IKS H7     H  N N 139 
IKS H8     H  N N 140 
IKS H9     H  N N 141 
IKS H10    H  N N 142 
IKS H11    H  N N 143 
IKS H12    H  N N 144 
IKS H13    H  N N 145 
IKS H14    H  N N 146 
IKS OP3    O  N N 147 
IKS H1     H  N N 148 
ILK "C1'"  C  N R 149 
ILK C2     C  N N 150 
ILK "C2'"  C  N R 151 
ILK "C3'"  C  N S 152 
ILK C4     C  N N 153 
ILK "C4'"  C  N R 154 
ILK C5     C  N N 155 
ILK "C5'"  C  N N 156 
ILK C6     C  N N 157 
ILK N1     N  N N 158 
ILK N3     N  N N 159 
ILK O2     O  N N 160 
ILK "O2'"  O  N N 161 
ILK "O3'"  O  N N 162 
ILK O4     O  N N 163 
ILK "O5'"  O  N N 164 
ILK OP1    O  N N 165 
ILK OP2    O  N N 166 
ILK P      P  N N 167 
ILK SE4    SE N N 168 
ILK H1     H  N N 169 
ILK H2     H  N N 170 
ILK H3     H  N N 171 
ILK H4     H  N N 172 
ILK H5     H  N N 173 
ILK H6     H  N N 174 
ILK H7     H  N N 175 
ILK H8     H  N N 176 
ILK H9     H  N N 177 
ILK H10    H  N N 178 
ILK H11    H  N N 179 
ILK H13    H  N N 180 
ILK OP3    O  N N 181 
ILK H12    H  N N 182 
NCO CO     CO N N 183 
NCO N1     N  N N 184 
NCO N2     N  N N 185 
NCO N3     N  N N 186 
NCO N4     N  N N 187 
NCO N5     N  N N 188 
NCO N6     N  N N 189 
NCO HN11   H  N N 190 
NCO HN12   H  N N 191 
NCO HN13   H  N N 192 
NCO HN21   H  N N 193 
NCO HN22   H  N N 194 
NCO HN23   H  N N 195 
NCO HN31   H  N N 196 
NCO HN32   H  N N 197 
NCO HN33   H  N N 198 
NCO HN41   H  N N 199 
NCO HN42   H  N N 200 
NCO HN43   H  N N 201 
NCO HN51   H  N N 202 
NCO HN52   H  N N 203 
NCO HN53   H  N N 204 
NCO HN61   H  N N 205 
NCO HN62   H  N N 206 
NCO HN63   H  N N 207 
U   OP3    O  N N 208 
U   P      P  N N 209 
U   OP1    O  N N 210 
U   OP2    O  N N 211 
U   "O5'"  O  N N 212 
U   "C5'"  C  N N 213 
U   "C4'"  C  N R 214 
U   "O4'"  O  N N 215 
U   "C3'"  C  N S 216 
U   "O3'"  O  N N 217 
U   "C2'"  C  N R 218 
U   "O2'"  O  N N 219 
U   "C1'"  C  N R 220 
U   N1     N  N N 221 
U   C2     C  N N 222 
U   O2     O  N N 223 
U   N3     N  N N 224 
U   C4     C  N N 225 
U   O4     O  N N 226 
U   C5     C  N N 227 
U   C6     C  N N 228 
U   HOP3   H  N N 229 
U   HOP2   H  N N 230 
U   "H5'"  H  N N 231 
U   "H5''" H  N N 232 
U   "H4'"  H  N N 233 
U   "H3'"  H  N N 234 
U   "HO3'" H  N N 235 
U   "H2'"  H  N N 236 
U   "HO2'" H  N N 237 
U   "H1'"  H  N N 238 
U   H3     H  N N 239 
U   H5     H  N N 240 
U   H6     H  N N 241 
# 
loop_
_chem_comp_bond.comp_id 
_chem_comp_bond.atom_id_1 
_chem_comp_bond.atom_id_2 
_chem_comp_bond.value_order 
_chem_comp_bond.pdbx_aromatic_flag 
_chem_comp_bond.pdbx_stereo_config 
_chem_comp_bond.pdbx_ordinal 
A   OP3   P      sing N N 1   
A   OP3   HOP3   sing N N 2   
A   P     OP1    doub N N 3   
A   P     OP2    sing N N 4   
A   P     "O5'"  sing N N 5   
A   OP2   HOP2   sing N N 6   
A   "O5'" "C5'"  sing N N 7   
A   "C5'" "C4'"  sing N N 8   
A   "C5'" "H5'"  sing N N 9   
A   "C5'" "H5''" sing N N 10  
A   "C4'" "O4'"  sing N N 11  
A   "C4'" "C3'"  sing N N 12  
A   "C4'" "H4'"  sing N N 13  
A   "O4'" "C1'"  sing N N 14  
A   "C3'" "O3'"  sing N N 15  
A   "C3'" "C2'"  sing N N 16  
A   "C3'" "H3'"  sing N N 17  
A   "O3'" "HO3'" sing N N 18  
A   "C2'" "O2'"  sing N N 19  
A   "C2'" "C1'"  sing N N 20  
A   "C2'" "H2'"  sing N N 21  
A   "O2'" "HO2'" sing N N 22  
A   "C1'" N9     sing N N 23  
A   "C1'" "H1'"  sing N N 24  
A   N9    C8     sing Y N 25  
A   N9    C4     sing Y N 26  
A   C8    N7     doub Y N 27  
A   C8    H8     sing N N 28  
A   N7    C5     sing Y N 29  
A   C5    C6     sing Y N 30  
A   C5    C4     doub Y N 31  
A   C6    N6     sing N N 32  
A   C6    N1     doub Y N 33  
A   N6    H61    sing N N 34  
A   N6    H62    sing N N 35  
A   N1    C2     sing Y N 36  
A   C2    N3     doub Y N 37  
A   C2    H2     sing N N 38  
A   N3    C4     sing Y N 39  
C   OP3   P      sing N N 40  
C   OP3   HOP3   sing N N 41  
C   P     OP1    doub N N 42  
C   P     OP2    sing N N 43  
C   P     "O5'"  sing N N 44  
C   OP2   HOP2   sing N N 45  
C   "O5'" "C5'"  sing N N 46  
C   "C5'" "C4'"  sing N N 47  
C   "C5'" "H5'"  sing N N 48  
C   "C5'" "H5''" sing N N 49  
C   "C4'" "O4'"  sing N N 50  
C   "C4'" "C3'"  sing N N 51  
C   "C4'" "H4'"  sing N N 52  
C   "O4'" "C1'"  sing N N 53  
C   "C3'" "O3'"  sing N N 54  
C   "C3'" "C2'"  sing N N 55  
C   "C3'" "H3'"  sing N N 56  
C   "O3'" "HO3'" sing N N 57  
C   "C2'" "O2'"  sing N N 58  
C   "C2'" "C1'"  sing N N 59  
C   "C2'" "H2'"  sing N N 60  
C   "O2'" "HO2'" sing N N 61  
C   "C1'" N1     sing N N 62  
C   "C1'" "H1'"  sing N N 63  
C   N1    C2     sing N N 64  
C   N1    C6     sing N N 65  
C   C2    O2     doub N N 66  
C   C2    N3     sing N N 67  
C   N3    C4     doub N N 68  
C   C4    N4     sing N N 69  
C   C4    C5     sing N N 70  
C   N4    H41    sing N N 71  
C   N4    H42    sing N N 72  
C   C5    C6     doub N N 73  
C   C5    H5     sing N N 74  
C   C6    H6     sing N N 75  
G   OP3   P      sing N N 76  
G   OP3   HOP3   sing N N 77  
G   P     OP1    doub N N 78  
G   P     OP2    sing N N 79  
G   P     "O5'"  sing N N 80  
G   OP2   HOP2   sing N N 81  
G   "O5'" "C5'"  sing N N 82  
G   "C5'" "C4'"  sing N N 83  
G   "C5'" "H5'"  sing N N 84  
G   "C5'" "H5''" sing N N 85  
G   "C4'" "O4'"  sing N N 86  
G   "C4'" "C3'"  sing N N 87  
G   "C4'" "H4'"  sing N N 88  
G   "O4'" "C1'"  sing N N 89  
G   "C3'" "O3'"  sing N N 90  
G   "C3'" "C2'"  sing N N 91  
G   "C3'" "H3'"  sing N N 92  
G   "O3'" "HO3'" sing N N 93  
G   "C2'" "O2'"  sing N N 94  
G   "C2'" "C1'"  sing N N 95  
G   "C2'" "H2'"  sing N N 96  
G   "O2'" "HO2'" sing N N 97  
G   "C1'" N9     sing N N 98  
G   "C1'" "H1'"  sing N N 99  
G   N9    C8     sing Y N 100 
G   N9    C4     sing Y N 101 
G   C8    N7     doub Y N 102 
G   C8    H8     sing N N 103 
G   N7    C5     sing Y N 104 
G   C5    C6     sing N N 105 
G   C5    C4     doub Y N 106 
G   C6    O6     doub N N 107 
G   C6    N1     sing N N 108 
G   N1    C2     sing N N 109 
G   N1    H1     sing N N 110 
G   C2    N2     sing N N 111 
G   C2    N3     doub N N 112 
G   N2    H21    sing N N 113 
G   N2    H22    sing N N 114 
G   N3    C4     sing N N 115 
HOH O     H1     sing N N 116 
HOH O     H2     sing N N 117 
IKS SE4   "C1'"  sing N N 118 
IKS SE4   "C4'"  sing N N 119 
IKS O2    C2     doub N N 120 
IKS "C1'" N1     sing N N 121 
IKS "C1'" "C2'"  sing N N 122 
IKS C2    N1     sing N N 123 
IKS C2    N3     sing N N 124 
IKS N1    C6     sing N N 125 
IKS "O2'" "C2'"  sing N N 126 
IKS "C4'" "C5'"  sing N N 127 
IKS "C4'" "C3'"  sing N N 128 
IKS N3    C4     doub N N 129 
IKS "C2'" "C3'"  sing N N 130 
IKS C6    C5     doub N N 131 
IKS "C5'" "O5'"  sing N N 132 
IKS C4    C5     sing N N 133 
IKS C4    N4     sing N N 134 
IKS "O5'" P      sing N N 135 
IKS "C3'" "O3'"  sing N N 136 
IKS P     OP1    doub N N 137 
IKS P     OP2    sing N N 138 
IKS OP2   H2     sing N N 139 
IKS "C5'" H3     sing N N 140 
IKS "C5'" H4     sing N N 141 
IKS "C4'" H5     sing N N 142 
IKS "C3'" H6     sing N N 143 
IKS "O3'" H7     sing N N 144 
IKS "C2'" H8     sing N N 145 
IKS "O2'" H9     sing N N 146 
IKS "C1'" H10    sing N N 147 
IKS N4    H11    sing N N 148 
IKS N4    H12    sing N N 149 
IKS C5    H13    sing N N 150 
IKS C6    H14    sing N N 151 
IKS P     OP3    sing N N 152 
IKS OP3   H1     sing N N 153 
ILK SE4   "C1'"  sing N N 154 
ILK SE4   "C4'"  sing N N 155 
ILK "C1'" N1     sing N N 156 
ILK "C1'" "C2'"  sing N N 157 
ILK "C4'" "C5'"  sing N N 158 
ILK "C4'" "C3'"  sing N N 159 
ILK N1    C6     sing N N 160 
ILK N1    C2     sing N N 161 
ILK O2    C2     doub N N 162 
ILK C6    C5     doub N N 163 
ILK "C5'" "O5'"  sing N N 164 
ILK "O2'" "C2'"  sing N N 165 
ILK C2    N3     sing N N 166 
ILK C5    C4     sing N N 167 
ILK "O5'" P      sing N N 168 
ILK N3    C4     sing N N 169 
ILK "C2'" "C3'"  sing N N 170 
ILK C4    O4     doub N N 171 
ILK P     OP2    sing N N 172 
ILK P     OP1    doub N N 173 
ILK "C3'" "O3'"  sing N N 174 
ILK "C1'" H1     sing N N 175 
ILK "C2'" H2     sing N N 176 
ILK "C3'" H3     sing N N 177 
ILK "C4'" H4     sing N N 178 
ILK C5    H5     sing N N 179 
ILK "C5'" H6     sing N N 180 
ILK "C5'" H7     sing N N 181 
ILK C6    H8     sing N N 182 
ILK N3    H9     sing N N 183 
ILK "O2'" H10    sing N N 184 
ILK "O3'" H11    sing N N 185 
ILK OP2   H13    sing N N 186 
ILK P     OP3    sing N N 187 
ILK OP3   H12    sing N N 188 
NCO CO    N1     sing N N 189 
NCO CO    N2     sing N N 190 
NCO CO    N3     sing N N 191 
NCO CO    N4     sing N N 192 
NCO CO    N5     sing N N 193 
NCO CO    N6     sing N N 194 
NCO N1    HN11   sing N N 195 
NCO N1    HN12   sing N N 196 
NCO N1    HN13   sing N N 197 
NCO N2    HN21   sing N N 198 
NCO N2    HN22   sing N N 199 
NCO N2    HN23   sing N N 200 
NCO N3    HN31   sing N N 201 
NCO N3    HN32   sing N N 202 
NCO N3    HN33   sing N N 203 
NCO N4    HN41   sing N N 204 
NCO N4    HN42   sing N N 205 
NCO N4    HN43   sing N N 206 
NCO N5    HN51   sing N N 207 
NCO N5    HN52   sing N N 208 
NCO N5    HN53   sing N N 209 
NCO N6    HN61   sing N N 210 
NCO N6    HN62   sing N N 211 
NCO N6    HN63   sing N N 212 
U   OP3   P      sing N N 213 
U   OP3   HOP3   sing N N 214 
U   P     OP1    doub N N 215 
U   P     OP2    sing N N 216 
U   P     "O5'"  sing N N 217 
U   OP2   HOP2   sing N N 218 
U   "O5'" "C5'"  sing N N 219 
U   "C5'" "C4'"  sing N N 220 
U   "C5'" "H5'"  sing N N 221 
U   "C5'" "H5''" sing N N 222 
U   "C4'" "O4'"  sing N N 223 
U   "C4'" "C3'"  sing N N 224 
U   "C4'" "H4'"  sing N N 225 
U   "O4'" "C1'"  sing N N 226 
U   "C3'" "O3'"  sing N N 227 
U   "C3'" "C2'"  sing N N 228 
U   "C3'" "H3'"  sing N N 229 
U   "O3'" "HO3'" sing N N 230 
U   "C2'" "O2'"  sing N N 231 
U   "C2'" "C1'"  sing N N 232 
U   "C2'" "H2'"  sing N N 233 
U   "O2'" "HO2'" sing N N 234 
U   "C1'" N1     sing N N 235 
U   "C1'" "H1'"  sing N N 236 
U   N1    C2     sing N N 237 
U   N1    C6     sing N N 238 
U   C2    O2     doub N N 239 
U   C2    N3     sing N N 240 
U   N3    C4     sing N N 241 
U   N3    H3     sing N N 242 
U   C4    O4     doub N N 243 
U   C4    C5     sing N N 244 
U   C5    C6     doub N N 245 
U   C5    H5     sing N N 246 
U   C6    H6     sing N N 247 
# 
_ndb_struct_conf_na.entry_id   7Y8P 
_ndb_struct_conf_na.feature    'a-form double helix' 
# 
loop_
_ndb_struct_na_base_pair.model_number 
_ndb_struct_na_base_pair.i_label_asym_id 
_ndb_struct_na_base_pair.i_label_comp_id 
_ndb_struct_na_base_pair.i_label_seq_id 
_ndb_struct_na_base_pair.i_symmetry 
_ndb_struct_na_base_pair.j_label_asym_id 
_ndb_struct_na_base_pair.j_label_comp_id 
_ndb_struct_na_base_pair.j_label_seq_id 
_ndb_struct_na_base_pair.j_symmetry 
_ndb_struct_na_base_pair.shear 
_ndb_struct_na_base_pair.stretch 
_ndb_struct_na_base_pair.stagger 
_ndb_struct_na_base_pair.buckle 
_ndb_struct_na_base_pair.propeller 
_ndb_struct_na_base_pair.opening 
_ndb_struct_na_base_pair.pair_number 
_ndb_struct_na_base_pair.pair_name 
_ndb_struct_na_base_pair.i_auth_asym_id 
_ndb_struct_na_base_pair.i_auth_seq_id 
_ndb_struct_na_base_pair.i_PDB_ins_code 
_ndb_struct_na_base_pair.j_auth_asym_id 
_ndb_struct_na_base_pair.j_auth_seq_id 
_ndb_struct_na_base_pair.j_PDB_ins_code 
_ndb_struct_na_base_pair.hbond_type_28 
_ndb_struct_na_base_pair.hbond_type_12 
1 A G 1  1_555 B C 12 1_555 -0.284 -0.184 0.103 -0.472 -6.349  -2.421 1 A_G1:C12_B A 1  ? B 12 ? 19 1 
1 A G 2  1_555 B C 11 1_555 -0.266 -0.211 0.124 3.239  -9.806  -1.586 2 A_G2:C11_B A 2  ? B 11 ? 19 1 
1 A A 3  1_555 B U 10 1_555 0.081  -0.127 0.097 3.182  -20.565 3.272  3 A_A3:U10_B A 3  ? B 10 ? 20 1 
1 A U 10 1_555 B A 3  1_555 -0.075 -0.161 0.057 3.127  -17.044 -4.852 4 A_U10:A3_B A 10 ? B 3  ? 20 1 
1 A C 11 1_555 B G 2  1_555 0.155  -0.173 0.169 4.305  -19.534 1.768  5 A_C11:G2_B A 11 ? B 2  ? 19 1 
1 A C 12 1_555 B G 1  1_555 0.154  -0.196 0.297 -0.159 -10.294 -1.881 6 A_C12:G1_B A 12 ? B 1  ? 19 1 
# 
loop_
_ndb_struct_na_base_pair_step.model_number 
_ndb_struct_na_base_pair_step.i_label_asym_id_1 
_ndb_struct_na_base_pair_step.i_label_comp_id_1 
_ndb_struct_na_base_pair_step.i_label_seq_id_1 
_ndb_struct_na_base_pair_step.i_symmetry_1 
_ndb_struct_na_base_pair_step.j_label_asym_id_1 
_ndb_struct_na_base_pair_step.j_label_comp_id_1 
_ndb_struct_na_base_pair_step.j_label_seq_id_1 
_ndb_struct_na_base_pair_step.j_symmetry_1 
_ndb_struct_na_base_pair_step.i_label_asym_id_2 
_ndb_struct_na_base_pair_step.i_label_comp_id_2 
_ndb_struct_na_base_pair_step.i_label_seq_id_2 
_ndb_struct_na_base_pair_step.i_symmetry_2 
_ndb_struct_na_base_pair_step.j_label_asym_id_2 
_ndb_struct_na_base_pair_step.j_label_comp_id_2 
_ndb_struct_na_base_pair_step.j_label_seq_id_2 
_ndb_struct_na_base_pair_step.j_symmetry_2 
_ndb_struct_na_base_pair_step.shift 
_ndb_struct_na_base_pair_step.slide 
_ndb_struct_na_base_pair_step.rise 
_ndb_struct_na_base_pair_step.tilt 
_ndb_struct_na_base_pair_step.roll 
_ndb_struct_na_base_pair_step.twist 
_ndb_struct_na_base_pair_step.x_displacement 
_ndb_struct_na_base_pair_step.y_displacement 
_ndb_struct_na_base_pair_step.helical_rise 
_ndb_struct_na_base_pair_step.inclination 
_ndb_struct_na_base_pair_step.tip 
_ndb_struct_na_base_pair_step.helical_twist 
_ndb_struct_na_base_pair_step.step_number 
_ndb_struct_na_base_pair_step.step_name 
_ndb_struct_na_base_pair_step.i_auth_asym_id_1 
_ndb_struct_na_base_pair_step.i_auth_seq_id_1 
_ndb_struct_na_base_pair_step.i_PDB_ins_code_1 
_ndb_struct_na_base_pair_step.j_auth_asym_id_1 
_ndb_struct_na_base_pair_step.j_auth_seq_id_1 
_ndb_struct_na_base_pair_step.j_PDB_ins_code_1 
_ndb_struct_na_base_pair_step.i_auth_asym_id_2 
_ndb_struct_na_base_pair_step.i_auth_seq_id_2 
_ndb_struct_na_base_pair_step.i_PDB_ins_code_2 
_ndb_struct_na_base_pair_step.j_auth_asym_id_2 
_ndb_struct_na_base_pair_step.j_auth_seq_id_2 
_ndb_struct_na_base_pair_step.j_PDB_ins_code_2 
1 A G 1  1_555 B C 12 1_555 A G 2  1_555 B C 11 1_555 -0.632 -1.492 3.131 -3.204 4.764 32.880 -3.337 0.604  2.939 8.336  5.607  
33.364 1 AA_G1G2:C11C12_BB A 1  ? B 12 ? A 2  ? B 11 ? 
1 A G 2  1_555 B C 11 1_555 A A 3  1_555 B U 10 1_555 0.779  -1.375 3.179 1.826  6.352 32.580 -3.403 -1.075 2.904 11.180 -3.213 
33.226 2 AA_G2A3:U10C11_BB A 2  ? B 11 ? A 3  ? B 10 ? 
1 A U 10 1_555 B A 3  1_555 A C 11 1_555 B G 2  1_555 1.199  -0.955 3.109 2.848  6.865 35.664 -2.424 -1.548 2.964 11.060 -4.588 
36.405 3 AA_U10C11:G2A3_BB A 10 ? B 3  ? A 11 ? B 2  ? 
1 A C 11 1_555 B G 2  1_555 A C 12 1_555 B G 1  1_555 0.125  -1.260 3.336 0.051  4.011 37.154 -2.495 -0.189 3.188 6.272  -0.080 
37.363 4 AA_C11C12:G1G2_BB A 11 ? B 2  ? A 12 ? B 1  ? 
# 
_pdbx_audit_support.funding_organization   'Ministry of Education, Culture, Sports, Science and Technology (Japan)' 
_pdbx_audit_support.country                Japan 
_pdbx_audit_support.grant_number           18H02108 
_pdbx_audit_support.ordinal                1 
# 
loop_
_pdbx_entity_nonpoly.entity_id 
_pdbx_entity_nonpoly.name 
_pdbx_entity_nonpoly.comp_id 
2 'COBALT HEXAMMINE(III)' NCO 
3 water                   HOH 
# 
_pdbx_initial_refinement_model.id               1 
_pdbx_initial_refinement_model.entity_id_list   ? 
_pdbx_initial_refinement_model.type             'experimental model' 
_pdbx_initial_refinement_model.source_name      PDB 
_pdbx_initial_refinement_model.accession_code   5AY2 
_pdbx_initial_refinement_model.details          ? 
# 
_pdbx_struct_assembly_auth_evidence.id                     1 
_pdbx_struct_assembly_auth_evidence.assembly_id            1 
_pdbx_struct_assembly_auth_evidence.experimental_support   none 
_pdbx_struct_assembly_auth_evidence.details                ? 
# 
